data_8AQS
#
_entry.id   8AQS
#
loop_
_entity.id
_entity.type
_entity.pdbx_description
1 polymer 'Spike glycoprotein,Fibritin'
2 polymer 'Processed angiotensin-converting enzyme 2'
3 non-polymer 2-acetamido-2-deoxy-beta-D-glucopyranose
4 non-polymer 'ZINC ION'
5 water water
#
loop_
_entity_poly.entity_id
_entity_poly.type
_entity_poly.pdbx_seq_one_letter_code
_entity_poly.pdbx_strand_id
1 'polypeptide(L)'
;MFVFLVLLPLVSSQCVNLITRTQLPPSYTNSFTRGVYYPDKVFRSSVLHSTQDLFLPFFSNVTWFHAIHVSGTNGTKRFD
NPVLPFNDGVYFASTEKSNIIRGWIFGTTLDSKTQSLLIVNNATNVVIKVCEFQFCNDPFLDVYYHKNNKSWMESEFRVY
SSANNCTFEYVSQPFLMDLEGKQGNFKNLREFVFKNIDGYFKIYSKHTPINLGRDLPQGFSALEPLVDLPIGINITRFQT
LLALHRSYLTPGDSSSGWTAGAAAYYVGYLQPRTFLLKYNENGTITDAVDCALDPLSETKCTLKSFTVEKGIYQTSNFRV
QPTESIVRFPNITNLCPFDEVFNATRFASVYAWNRKRISNCVADYSVLYNFAPFFAFKCYGVSPTKLNDLCFTNVYADSF
VIRGNEVSQIAPGQTGNIADYNYKLPDDFTGCVIAWNSNKLDSKVGGNYNYRYRLFRKSNLKPFERDISTEIYQAGNKPC
NGVAGVNCYFPLQSYGFRPTYGVGHQPYRVVVLSFELLHAPATVCGPKKSTNLVKNKCVNFNFNGLTGTGVLTESNKKFL
PFQQFGRDIADTTDAVRDPQTLEILDITPCSFGGVSVITPGTNTSNQVAVLYQGVNCTEVPVAIHADQLTPTWRVYSTGS
NVFQTRAGCLIGAEYVNNSYECDIPIGAGICASYQTQTKSHGSASSVASQSIIAYTMSLGAENSVAYSNNSIAIPTNFTI
SVTTEILPVSMTKTSVDCTMYICGDSTECSNLLLQYGSFCTQLKRALTGIAVEQDKNTQEVFAQVKQIYKTPPIKYFGGF
NFSQILPDPSKPSKRSFIEDLLFNKVTLADAGFIKQYGDCLGDIAARDLICAQKFNGLTVLPPLLTDEMIAQYTSALLAG
TITSGWTFGAGAALQIPFAMQMAYRFNGIGVTQNVLYENQKLIANQFNSAIGKIQDSLSSTASALGKLQDVVNHNAQALN
TLVKQLSSKFGAISSVLNDILSRLDPPEAEVQIDRLITGRLQSLQTYVTQQLIRAAEIRASANLAATKMSECVLGQSKRV
DFCGKGYHLMSFPQSAPHGVVFLHVTYVPAQEKNFTTAPAICHDGKAHFPREGVFVSNGTHWFVTQRNFYEPQIITTDNT
FVSGNCDVVIGIVNNTVYDPLQPELDSFKEELDKYFKNHTSPDVDLGDISGINASVVNIQKEIDRLNEVAKNLNESLIDL
QELGKYEQGSGYIPEAPRDGQAYVRKDGEWVLLSTFLGRSLEVLFQGPGHHHHHHHHSAWSHPQFEKGGGSGGGGSGGSA
WSHPQFEK
;
A
2 'polypeptide(L)'
;MGTLSAPPCTQRIKWKGLLLTASLLNFWNLPTTASTIEEQAKTFLDKFNHEAEDLFYQSSLASWNYNTNITEENVQNMNN
AGDKWSAFLKEQSTLAQMYPLQEIQNLTVKLQLQALQQNGSSVLSEDKSKRLNTILNTMSTIYSTGKVCNPDNPQECLLL
EPGLNEIMANSLDYNERLWAWESWRSEVGKQLRPLYEEYVVLKNEMARANHYEDYGDYWRGDYEVNGVDGYDYSRGQLIE
DVEHTFEEIKPLYEHLHAYVRAKLMNAYPSYISPIGCLPAHLLGDMWGRFWTNLYSLTVPFGQKPNIDVTDAMVDQAWDA
QRIFKEAEKFFVSVGLPNMTQGFWENSMLTDPGNVQKAVCHPTAWDLGKGDFRILMCTKVTMDDFLTAHHEMGHIQYDMA
YAAQPFLLRNGANEGFHEAVGEIMSLSAATPKHLKSIGLLSPDFQEDNETEINFLLKQALTIVGTLPFTYMLEKWRWMVF
KGEIPKDQWMKKWWEMKREIVGVVEPVPHDETYCDPASLFHVSNDYSFIRYYTRTLYQFQFQEALCQAAKHEGPLHKCDI
SNSTEAGQKLFNMLRLGKSEPWTLALENVVGAKNMNVRPLLNYFEPLFTWLKDQNKNSFVGWSTDWSPYADGSLEVLFQG
PMDEPRGPTIKPCPPCKCPAPNLLGGPSVFIFPPKIKDVLMISLSPIVTCVVVDVSEDDPDVQISWFVNNVEVHTAQTQT
HREDYNSTLRVVSALPIQHQDWMSGKEFKCKVNNKDLPAPIERTISKPKGSVRAPQVYVLPPPEEEMTKKQVTLTCMVTD
FMPEDIYVEWTNNGKTELNYKNTEPVLDSDGSYFMYSKLRVEKKNWVERNSYSCSVVHEGLHNHHTTKSFSRTPGKHHHH
HHHHHH
;
B
#
# COMPACT_ATOMS: atom_id res chain seq x y z
N THR A 333 -61.96 -9.97 -13.83
CA THR A 333 -60.72 -9.29 -14.20
C THR A 333 -59.58 -10.30 -14.32
N ASN A 334 -58.75 -10.12 -15.34
CA ASN A 334 -57.63 -11.02 -15.62
C ASN A 334 -56.35 -10.20 -15.65
N LEU A 335 -55.57 -10.26 -14.57
CA LEU A 335 -54.36 -9.48 -14.45
C LEU A 335 -53.18 -10.21 -15.08
N CYS A 336 -52.24 -9.42 -15.61
CA CYS A 336 -51.04 -9.99 -16.21
C CYS A 336 -50.16 -10.61 -15.13
N PRO A 337 -49.38 -11.64 -15.48
CA PRO A 337 -48.56 -12.34 -14.46
C PRO A 337 -47.20 -11.69 -14.24
N PHE A 338 -47.20 -10.55 -13.57
CA PHE A 338 -45.95 -9.89 -13.19
C PHE A 338 -45.34 -10.46 -11.92
N ASP A 339 -46.02 -11.38 -11.25
CA ASP A 339 -45.51 -12.02 -10.05
C ASP A 339 -44.67 -13.25 -10.36
N GLU A 340 -44.51 -13.62 -11.63
CA GLU A 340 -43.71 -14.76 -12.02
C GLU A 340 -42.34 -14.39 -12.57
N VAL A 341 -42.19 -13.17 -13.09
CA VAL A 341 -40.92 -12.75 -13.67
C VAL A 341 -40.18 -11.87 -12.68
N PHE A 342 -40.92 -11.19 -11.80
CA PHE A 342 -40.30 -10.33 -10.79
C PHE A 342 -39.94 -11.09 -9.53
N ASN A 343 -40.81 -12.00 -9.08
CA ASN A 343 -40.57 -12.79 -7.88
C ASN A 343 -40.43 -14.25 -8.30
N ALA A 344 -39.19 -14.63 -8.63
CA ALA A 344 -38.87 -16.01 -9.01
C ALA A 344 -37.72 -16.50 -8.15
N THR A 345 -37.67 -17.82 -7.96
CA THR A 345 -36.64 -18.41 -7.11
C THR A 345 -35.25 -18.18 -7.68
N ARG A 346 -35.08 -18.35 -8.99
CA ARG A 346 -33.78 -18.21 -9.62
C ARG A 346 -33.92 -17.52 -10.98
N PHE A 347 -32.96 -16.66 -11.30
CA PHE A 347 -32.89 -15.99 -12.58
C PHE A 347 -31.93 -16.75 -13.50
N ALA A 348 -31.64 -16.17 -14.66
CA ALA A 348 -30.80 -16.80 -15.66
C ALA A 348 -29.51 -15.99 -15.84
N SER A 349 -28.53 -16.63 -16.48
CA SER A 349 -27.25 -15.98 -16.73
C SER A 349 -27.41 -14.90 -17.80
N VAL A 350 -26.37 -14.07 -17.91
CA VAL A 350 -26.44 -12.94 -18.84
C VAL A 350 -26.38 -13.42 -20.28
N TYR A 351 -25.47 -14.36 -20.57
CA TYR A 351 -25.33 -14.84 -21.94
C TYR A 351 -26.54 -15.63 -22.41
N ALA A 352 -27.26 -16.26 -21.49
CA ALA A 352 -28.52 -16.96 -21.79
C ALA A 352 -29.60 -16.27 -20.97
N TRP A 353 -30.12 -15.17 -21.49
CA TRP A 353 -31.13 -14.38 -20.80
C TRP A 353 -32.53 -14.87 -21.15
N ASN A 354 -33.43 -14.74 -20.19
CA ASN A 354 -34.78 -15.28 -20.28
C ASN A 354 -35.74 -14.23 -20.81
N ARG A 355 -36.47 -14.57 -21.86
CA ARG A 355 -37.44 -13.70 -22.52
C ARG A 355 -38.83 -14.32 -22.39
N LYS A 356 -39.80 -13.50 -21.99
CA LYS A 356 -41.17 -13.97 -21.83
C LYS A 356 -42.12 -12.99 -22.51
N ARG A 357 -43.14 -13.53 -23.18
CA ARG A 357 -44.14 -12.73 -23.87
C ARG A 357 -45.40 -12.63 -23.02
N ILE A 358 -45.97 -11.42 -22.96
CA ILE A 358 -47.15 -11.13 -22.16
C ILE A 358 -48.19 -10.51 -23.08
N SER A 359 -49.37 -11.13 -23.13
CA SER A 359 -50.47 -10.65 -23.97
C SER A 359 -51.78 -11.19 -23.42
N ASN A 360 -52.88 -10.55 -23.81
CA ASN A 360 -54.23 -10.93 -23.45
C ASN A 360 -54.42 -10.93 -21.92
N CYS A 361 -54.21 -9.76 -21.32
CA CYS A 361 -54.42 -9.60 -19.89
C CYS A 361 -54.55 -8.12 -19.59
N VAL A 362 -54.72 -7.81 -18.31
CA VAL A 362 -54.83 -6.43 -17.82
C VAL A 362 -53.59 -6.16 -16.97
N ALA A 363 -52.80 -5.16 -17.36
CA ALA A 363 -51.53 -4.88 -16.72
C ALA A 363 -51.73 -3.90 -15.58
N ASP A 364 -51.33 -4.30 -14.37
CA ASP A 364 -51.34 -3.44 -13.19
C ASP A 364 -49.90 -3.10 -12.87
N TYR A 365 -49.43 -1.96 -13.38
CA TYR A 365 -48.02 -1.58 -13.26
C TYR A 365 -47.65 -1.10 -11.87
N SER A 366 -48.59 -0.51 -11.12
CA SER A 366 -48.29 -0.07 -9.76
C SER A 366 -47.85 -1.22 -8.86
N VAL A 367 -48.26 -2.45 -9.19
CA VAL A 367 -47.81 -3.63 -8.45
C VAL A 367 -46.29 -3.75 -8.47
N LEU A 368 -45.65 -3.22 -9.52
CA LEU A 368 -44.19 -3.27 -9.59
C LEU A 368 -43.54 -2.51 -8.44
N TYR A 369 -44.28 -1.62 -7.76
CA TYR A 369 -43.75 -0.90 -6.62
C TYR A 369 -43.83 -1.68 -5.31
N ASN A 370 -44.32 -2.93 -5.36
CA ASN A 370 -44.42 -3.71 -4.13
C ASN A 370 -43.06 -3.95 -3.48
N PHE A 371 -42.00 -4.08 -4.29
CA PHE A 371 -40.67 -4.25 -3.73
C PHE A 371 -40.23 -2.99 -3.00
N ALA A 372 -40.16 -1.86 -3.73
CA ALA A 372 -39.94 -0.46 -3.35
C ALA A 372 -38.50 0.00 -3.64
N PRO A 373 -37.45 -0.48 -2.92
CA PRO A 373 -36.12 0.08 -3.18
C PRO A 373 -35.53 -0.44 -4.49
N PHE A 374 -35.49 0.40 -5.51
CA PHE A 374 -35.00 0.03 -6.83
C PHE A 374 -33.74 0.80 -7.14
N PHE A 375 -32.66 0.08 -7.45
CA PHE A 375 -31.40 0.74 -7.80
C PHE A 375 -31.50 1.49 -9.12
N ALA A 376 -32.37 1.05 -10.03
CA ALA A 376 -32.56 1.77 -11.29
C ALA A 376 -33.98 1.53 -11.79
N PHE A 377 -34.65 2.59 -12.20
CA PHE A 377 -36.00 2.53 -12.76
C PHE A 377 -36.09 3.39 -14.01
N LYS A 378 -35.14 3.19 -14.94
CA LYS A 378 -35.09 4.05 -16.11
C LYS A 378 -36.21 3.70 -17.08
N CYS A 379 -36.72 4.71 -17.79
CA CYS A 379 -37.75 4.51 -18.80
C CYS A 379 -37.44 5.38 -20.01
N TYR A 380 -37.49 4.78 -21.20
CA TYR A 380 -37.19 5.45 -22.46
C TYR A 380 -38.42 5.36 -23.37
N GLY A 381 -38.81 6.50 -23.94
CA GLY A 381 -39.93 6.56 -24.84
C GLY A 381 -41.29 6.67 -24.17
N VAL A 382 -41.35 6.57 -22.85
CA VAL A 382 -42.59 6.72 -22.10
C VAL A 382 -42.33 7.64 -20.92
N SER A 383 -43.43 8.15 -20.35
CA SER A 383 -43.32 9.07 -19.24
C SER A 383 -42.76 8.37 -18.00
N PRO A 384 -42.11 9.11 -17.10
CA PRO A 384 -41.64 8.48 -15.85
C PRO A 384 -42.76 7.83 -15.07
N THR A 385 -43.93 8.47 -15.00
CA THR A 385 -45.13 7.77 -14.59
C THR A 385 -45.53 6.79 -15.68
N LYS A 386 -45.96 5.59 -15.28
CA LYS A 386 -46.09 4.51 -16.24
C LYS A 386 -47.25 4.73 -17.23
N LEU A 387 -48.17 5.65 -16.92
CA LEU A 387 -49.26 6.00 -17.83
C LEU A 387 -50.11 4.76 -18.15
N ASN A 388 -50.82 4.30 -17.12
CA ASN A 388 -51.67 3.12 -17.21
C ASN A 388 -52.79 3.27 -18.25
N ASP A 389 -52.85 4.42 -18.91
CA ASP A 389 -53.83 4.68 -19.95
C ASP A 389 -53.29 4.36 -21.35
N LEU A 390 -52.38 3.39 -21.45
CA LEU A 390 -51.80 2.98 -22.72
C LEU A 390 -52.19 1.53 -23.01
N CYS A 391 -52.31 1.22 -24.30
CA CYS A 391 -52.61 -0.13 -24.75
C CYS A 391 -51.62 -0.54 -25.83
N PHE A 392 -51.04 -1.72 -25.67
CA PHE A 392 -50.04 -2.23 -26.60
C PHE A 392 -50.44 -3.62 -27.07
N THR A 393 -49.87 -4.03 -28.21
CA THR A 393 -50.16 -5.35 -28.73
C THR A 393 -49.62 -6.45 -27.81
N ASN A 394 -48.37 -6.32 -27.38
CA ASN A 394 -47.79 -7.29 -26.45
C ASN A 394 -46.59 -6.65 -25.75
N VAL A 395 -46.15 -7.33 -24.68
CA VAL A 395 -45.03 -6.87 -23.87
C VAL A 395 -44.03 -8.00 -23.77
N TYR A 396 -42.74 -7.66 -23.77
CA TYR A 396 -41.67 -8.63 -23.57
C TYR A 396 -40.91 -8.30 -22.30
N ALA A 397 -40.61 -9.34 -21.53
CA ALA A 397 -39.87 -9.19 -20.27
C ALA A 397 -38.60 -10.02 -20.34
N ASP A 398 -37.46 -9.38 -20.10
CA ASP A 398 -36.15 -10.03 -20.15
C ASP A 398 -35.52 -9.95 -18.77
N SER A 399 -35.08 -11.08 -18.25
CA SER A 399 -34.56 -11.13 -16.88
C SER A 399 -33.17 -11.74 -16.84
N PHE A 400 -32.28 -11.11 -16.06
CA PHE A 400 -30.95 -11.67 -15.84
C PHE A 400 -30.33 -11.06 -14.59
N VAL A 401 -29.08 -11.42 -14.32
CA VAL A 401 -28.34 -10.99 -13.14
C VAL A 401 -26.95 -10.53 -13.56
N ILE A 402 -26.59 -9.30 -13.20
CA ILE A 402 -25.30 -8.72 -13.52
C ILE A 402 -24.66 -8.17 -12.25
N ARG A 403 -23.51 -7.52 -12.41
CA ARG A 403 -22.87 -6.79 -11.33
C ARG A 403 -23.57 -5.45 -11.12
N GLY A 404 -23.15 -4.73 -10.08
CA GLY A 404 -23.59 -3.36 -9.90
C GLY A 404 -22.83 -2.36 -10.74
N ASN A 405 -21.62 -2.72 -11.20
CA ASN A 405 -20.84 -1.84 -12.05
C ASN A 405 -21.35 -1.81 -13.48
N GLU A 406 -22.00 -2.89 -13.92
CA GLU A 406 -22.41 -3.04 -15.31
C GLU A 406 -23.87 -2.67 -15.55
N VAL A 407 -24.55 -2.13 -14.53
CA VAL A 407 -25.94 -1.74 -14.71
C VAL A 407 -26.05 -0.58 -15.68
N SER A 408 -25.08 0.34 -15.67
CA SER A 408 -25.10 1.48 -16.57
C SER A 408 -24.95 1.10 -18.03
N GLN A 409 -24.52 -0.13 -18.33
CA GLN A 409 -24.38 -0.57 -19.71
C GLN A 409 -25.71 -1.02 -20.32
N ILE A 410 -26.76 -1.18 -19.52
CA ILE A 410 -28.07 -1.56 -20.05
C ILE A 410 -28.78 -0.27 -20.42
N ALA A 411 -28.47 0.24 -21.60
CA ALA A 411 -28.99 1.51 -22.10
C ALA A 411 -28.67 1.63 -23.58
N PRO A 412 -29.52 2.31 -24.35
CA PRO A 412 -29.23 2.49 -25.78
C PRO A 412 -27.93 3.26 -26.00
N GLY A 413 -27.18 2.86 -27.03
CA GLY A 413 -25.95 3.52 -27.38
C GLY A 413 -24.86 3.43 -26.33
N GLN A 414 -24.64 2.23 -25.79
CA GLN A 414 -23.63 2.00 -24.77
C GLN A 414 -22.66 0.93 -25.24
N THR A 415 -21.39 1.10 -24.88
CA THR A 415 -20.34 0.14 -25.22
C THR A 415 -19.76 -0.46 -23.95
N GLY A 416 -19.22 -1.66 -24.07
CA GLY A 416 -18.64 -2.35 -22.94
C GLY A 416 -18.55 -3.85 -23.21
N ASN A 417 -18.42 -4.60 -22.12
CA ASN A 417 -18.29 -6.05 -22.21
C ASN A 417 -19.64 -6.76 -22.15
N ILE A 418 -20.70 -6.08 -21.69
CA ILE A 418 -22.03 -6.67 -21.59
C ILE A 418 -22.88 -6.19 -22.76
N ALA A 419 -22.72 -4.93 -23.13
CA ALA A 419 -23.50 -4.34 -24.22
C ALA A 419 -23.01 -4.74 -25.59
N ASP A 420 -21.87 -5.42 -25.70
CA ASP A 420 -21.31 -5.83 -26.98
C ASP A 420 -21.33 -7.33 -27.22
N TYR A 421 -21.18 -8.14 -26.16
CA TYR A 421 -21.10 -9.58 -26.32
C TYR A 421 -22.24 -10.34 -25.65
N ASN A 422 -23.02 -9.70 -24.78
CA ASN A 422 -24.03 -10.42 -24.00
C ASN A 422 -25.45 -9.97 -24.29
N TYR A 423 -25.73 -8.67 -24.17
CA TYR A 423 -27.11 -8.18 -24.31
C TYR A 423 -27.06 -6.74 -24.81
N LYS A 424 -27.74 -6.48 -25.93
CA LYS A 424 -27.72 -5.16 -26.55
C LYS A 424 -29.14 -4.68 -26.78
N LEU A 425 -29.38 -3.39 -26.54
CA LEU A 425 -30.64 -2.69 -26.76
C LEU A 425 -30.55 -1.83 -28.02
N PRO A 426 -31.64 -1.72 -28.77
CA PRO A 426 -31.61 -0.90 -29.99
C PRO A 426 -31.55 0.59 -29.65
N ASP A 427 -31.12 1.37 -30.65
CA ASP A 427 -31.00 2.81 -30.46
C ASP A 427 -32.35 3.50 -30.32
N ASP A 428 -33.44 2.83 -30.68
CA ASP A 428 -34.79 3.38 -30.60
C ASP A 428 -35.64 2.60 -29.61
N PHE A 429 -35.06 2.28 -28.45
CA PHE A 429 -35.76 1.52 -27.44
C PHE A 429 -36.95 2.28 -26.89
N THR A 430 -38.02 1.54 -26.57
CA THR A 430 -39.22 2.10 -25.96
C THR A 430 -39.65 1.12 -24.86
N GLY A 431 -39.17 1.38 -23.65
CA GLY A 431 -39.46 0.48 -22.54
C GLY A 431 -38.73 0.92 -21.30
N CYS A 432 -38.82 0.09 -20.26
CA CYS A 432 -38.28 0.44 -18.96
C CYS A 432 -37.33 -0.64 -18.45
N VAL A 433 -36.21 -0.19 -17.89
CA VAL A 433 -35.19 -1.06 -17.30
C VAL A 433 -35.23 -0.87 -15.79
N ILE A 434 -35.43 -1.98 -15.08
CA ILE A 434 -35.52 -1.99 -13.62
C ILE A 434 -34.42 -2.88 -13.09
N ALA A 435 -33.70 -2.40 -12.08
CA ALA A 435 -32.59 -3.15 -11.50
C ALA A 435 -32.57 -2.95 -9.99
N TRP A 436 -32.40 -4.05 -9.26
CA TRP A 436 -32.34 -3.98 -7.81
C TRP A 436 -31.32 -4.95 -7.26
N ASN A 437 -30.76 -4.60 -6.11
CA ASN A 437 -29.70 -5.40 -5.48
C ASN A 437 -30.30 -6.68 -4.90
N SER A 438 -29.62 -7.80 -5.14
CA SER A 438 -30.07 -9.11 -4.64
C SER A 438 -28.88 -9.86 -4.03
N ASN A 439 -28.11 -9.16 -3.18
CA ASN A 439 -26.94 -9.74 -2.54
C ASN A 439 -27.28 -10.87 -1.58
N LYS A 440 -28.47 -10.83 -0.96
CA LYS A 440 -28.84 -11.82 0.04
C LYS A 440 -29.36 -13.12 -0.56
N LEU A 441 -29.51 -13.19 -1.88
CA LEU A 441 -30.04 -14.37 -2.55
C LEU A 441 -29.06 -15.01 -3.53
N ASP A 442 -28.26 -14.21 -4.23
CA ASP A 442 -27.37 -14.70 -5.27
C ASP A 442 -25.92 -14.80 -4.83
N SER A 443 -25.63 -14.60 -3.55
CA SER A 443 -24.27 -14.65 -3.04
C SER A 443 -24.17 -15.68 -1.93
N LYS A 444 -23.09 -16.45 -1.93
CA LYS A 444 -22.86 -17.48 -0.94
C LYS A 444 -21.43 -17.39 -0.42
N VAL A 445 -21.24 -17.89 0.81
CA VAL A 445 -19.92 -17.91 1.43
C VAL A 445 -19.10 -19.00 0.76
N GLY A 446 -17.98 -18.62 0.15
CA GLY A 446 -17.15 -19.53 -0.61
C GLY A 446 -17.27 -19.38 -2.11
N GLY A 447 -18.28 -18.66 -2.59
CA GLY A 447 -18.43 -18.42 -4.02
C GLY A 447 -19.72 -18.96 -4.60
N ASN A 448 -20.24 -18.28 -5.62
CA ASN A 448 -21.44 -18.70 -6.35
C ASN A 448 -21.09 -18.67 -7.84
N TYR A 449 -20.55 -19.78 -8.34
CA TYR A 449 -20.06 -19.87 -9.70
C TYR A 449 -21.13 -20.36 -10.68
N ASN A 450 -22.40 -20.19 -10.35
CA ASN A 450 -23.49 -20.60 -11.23
C ASN A 450 -23.89 -19.51 -12.23
N TYR A 451 -23.33 -18.31 -12.10
CA TYR A 451 -23.66 -17.19 -12.98
C TYR A 451 -22.46 -16.92 -13.88
N ARG A 452 -22.68 -16.95 -15.19
CA ARG A 452 -21.62 -16.80 -16.17
C ARG A 452 -21.95 -15.69 -17.14
N TYR A 453 -20.90 -15.18 -17.81
CA TYR A 453 -21.06 -14.18 -18.84
C TYR A 453 -20.04 -14.44 -19.94
N ARG A 454 -20.36 -13.96 -21.14
CA ARG A 454 -19.56 -14.25 -22.32
C ARG A 454 -18.47 -13.21 -22.53
N LEU A 455 -17.29 -13.68 -22.90
CA LEU A 455 -16.14 -12.84 -23.23
C LEU A 455 -15.48 -13.40 -24.49
N PHE A 456 -14.90 -12.50 -25.29
CA PHE A 456 -14.28 -12.84 -26.56
C PHE A 456 -15.29 -13.48 -27.52
N ARG A 457 -16.27 -12.67 -27.91
CA ARG A 457 -17.31 -13.13 -28.83
C ARG A 457 -16.90 -13.02 -30.29
N LYS A 458 -15.84 -12.28 -30.61
CA LYS A 458 -15.26 -12.06 -31.93
C LYS A 458 -16.06 -11.06 -32.77
N SER A 459 -17.24 -10.62 -32.33
CA SER A 459 -18.04 -9.68 -33.10
C SER A 459 -19.13 -9.11 -32.21
N ASN A 460 -19.54 -7.87 -32.50
CA ASN A 460 -20.61 -7.26 -31.74
C ASN A 460 -21.96 -7.84 -32.12
N LEU A 461 -22.83 -7.99 -31.12
CA LEU A 461 -24.16 -8.50 -31.36
C LEU A 461 -25.08 -7.41 -31.90
N LYS A 462 -26.07 -7.83 -32.68
CA LYS A 462 -27.18 -7.00 -33.08
C LYS A 462 -28.21 -6.94 -31.96
N PRO A 463 -29.07 -5.93 -31.94
CA PRO A 463 -30.05 -5.82 -30.85
C PRO A 463 -30.91 -7.07 -30.73
N PHE A 464 -31.08 -7.53 -29.49
CA PHE A 464 -31.90 -8.69 -29.15
C PHE A 464 -31.41 -9.95 -29.85
N GLU A 465 -30.17 -10.33 -29.57
CA GLU A 465 -29.57 -11.57 -30.04
C GLU A 465 -28.99 -12.33 -28.85
N ARG A 466 -29.06 -13.67 -28.91
CA ARG A 466 -28.77 -14.48 -27.75
C ARG A 466 -27.36 -15.06 -27.76
N ASP A 467 -27.02 -15.88 -28.77
CA ASP A 467 -25.68 -16.44 -28.94
C ASP A 467 -25.24 -17.25 -27.72
N ILE A 468 -25.92 -18.38 -27.52
CA ILE A 468 -25.60 -19.27 -26.42
C ILE A 468 -24.62 -20.35 -26.86
N SER A 469 -23.97 -20.14 -28.00
CA SER A 469 -22.99 -21.11 -28.49
C SER A 469 -21.74 -21.11 -27.62
N THR A 470 -21.16 -22.29 -27.42
CA THR A 470 -20.00 -22.48 -26.56
C THR A 470 -18.92 -23.20 -27.36
N GLU A 471 -18.08 -22.44 -28.04
CA GLU A 471 -16.96 -22.99 -28.80
C GLU A 471 -15.68 -22.24 -28.45
N ILE A 472 -14.55 -22.92 -28.65
CA ILE A 472 -13.26 -22.35 -28.26
C ILE A 472 -12.95 -21.14 -29.14
N TYR A 473 -12.58 -20.04 -28.49
CA TYR A 473 -12.25 -18.81 -29.19
C TYR A 473 -10.79 -18.81 -29.59
N GLN A 474 -10.52 -18.48 -30.85
CA GLN A 474 -9.18 -18.53 -31.42
C GLN A 474 -8.70 -17.11 -31.68
N ALA A 475 -7.71 -16.67 -30.90
CA ALA A 475 -7.06 -15.38 -31.10
C ALA A 475 -5.63 -15.65 -31.55
N GLY A 476 -5.46 -15.85 -32.85
CA GLY A 476 -4.16 -16.16 -33.40
C GLY A 476 -4.30 -16.75 -34.79
N ASN A 477 -3.14 -17.08 -35.36
CA ASN A 477 -3.07 -17.63 -36.71
C ASN A 477 -2.96 -19.14 -36.75
N LYS A 478 -2.94 -19.81 -35.60
CA LYS A 478 -2.93 -21.26 -35.54
C LYS A 478 -4.30 -21.75 -35.12
N PRO A 479 -5.02 -22.50 -35.97
CA PRO A 479 -6.37 -22.93 -35.62
C PRO A 479 -6.37 -23.84 -34.40
N CYS A 480 -7.38 -23.67 -33.55
CA CYS A 480 -7.59 -24.56 -32.42
C CYS A 480 -8.34 -25.80 -32.86
N ASN A 481 -7.97 -26.95 -32.31
CA ASN A 481 -8.55 -28.23 -32.69
C ASN A 481 -9.65 -28.66 -31.73
N GLY A 482 -10.40 -27.70 -31.19
CA GLY A 482 -11.47 -28.00 -30.26
C GLY A 482 -11.07 -28.02 -28.80
N VAL A 483 -9.80 -27.87 -28.49
CA VAL A 483 -9.31 -27.87 -27.12
C VAL A 483 -8.59 -26.55 -26.84
N ALA A 484 -8.58 -26.17 -25.58
CA ALA A 484 -7.95 -24.91 -25.17
C ALA A 484 -6.44 -25.09 -25.05
N GLY A 485 -5.74 -23.96 -25.05
CA GLY A 485 -4.29 -23.97 -24.95
C GLY A 485 -3.61 -22.86 -25.73
N VAL A 486 -2.65 -22.20 -25.10
CA VAL A 486 -1.94 -21.06 -25.67
C VAL A 486 -2.98 -20.02 -26.09
N ASN A 487 -3.14 -19.78 -27.38
CA ASN A 487 -4.09 -18.79 -27.87
C ASN A 487 -5.45 -19.41 -28.20
N CYS A 488 -6.01 -20.15 -27.24
CA CYS A 488 -7.33 -20.75 -27.42
C CYS A 488 -8.02 -20.71 -26.06
N TYR A 489 -9.08 -19.92 -25.94
CA TYR A 489 -9.71 -19.65 -24.66
C TYR A 489 -11.17 -20.09 -24.66
N PHE A 490 -11.64 -20.54 -23.50
CA PHE A 490 -13.06 -20.81 -23.31
C PHE A 490 -13.80 -19.48 -23.17
N PRO A 491 -14.85 -19.24 -23.96
CA PRO A 491 -15.42 -17.88 -24.02
C PRO A 491 -16.15 -17.44 -22.77
N LEU A 492 -16.70 -18.35 -21.97
CA LEU A 492 -17.57 -17.99 -20.86
C LEU A 492 -16.78 -17.97 -19.55
N GLN A 493 -16.97 -16.91 -18.77
CA GLN A 493 -16.32 -16.74 -17.48
C GLN A 493 -17.38 -16.68 -16.37
N SER A 494 -16.95 -16.96 -15.15
CA SER A 494 -17.84 -17.02 -14.00
C SER A 494 -17.73 -15.74 -13.18
N TYR A 495 -18.73 -15.53 -12.32
CA TYR A 495 -18.80 -14.34 -11.47
C TYR A 495 -18.27 -14.58 -10.07
N GLY A 496 -18.60 -15.71 -9.45
CA GLY A 496 -18.09 -16.02 -8.13
C GLY A 496 -18.54 -15.05 -7.05
N PHE A 497 -19.82 -14.73 -7.00
CA PHE A 497 -20.33 -13.77 -6.04
C PHE A 497 -20.14 -14.28 -4.62
N ARG A 498 -19.73 -13.37 -3.74
CA ARG A 498 -19.57 -13.66 -2.31
C ARG A 498 -20.12 -12.49 -1.51
N PRO A 499 -20.53 -12.72 -0.26
CA PRO A 499 -20.80 -11.60 0.64
C PRO A 499 -19.51 -10.85 0.94
N THR A 500 -19.67 -9.59 1.34
CA THR A 500 -18.55 -8.71 1.66
C THR A 500 -17.65 -8.49 0.44
N TYR A 501 -18.27 -8.02 -0.65
CA TYR A 501 -17.55 -7.43 -1.76
C TYR A 501 -17.68 -5.91 -1.81
N GLY A 502 -18.90 -5.40 -1.80
CA GLY A 502 -19.12 -3.98 -2.02
C GLY A 502 -20.02 -3.76 -3.21
N VAL A 503 -20.80 -2.68 -3.20
CA VAL A 503 -21.87 -2.48 -4.16
C VAL A 503 -21.38 -2.54 -5.61
N GLY A 504 -20.08 -2.34 -5.84
CA GLY A 504 -19.57 -2.46 -7.19
C GLY A 504 -19.61 -3.89 -7.73
N HIS A 505 -19.33 -4.87 -6.87
CA HIS A 505 -19.18 -6.26 -7.27
C HIS A 505 -20.24 -7.14 -6.61
N GLN A 506 -21.44 -6.61 -6.39
CA GLN A 506 -22.49 -7.37 -5.76
C GLN A 506 -23.58 -7.74 -6.78
N PRO A 507 -24.30 -8.84 -6.57
CA PRO A 507 -25.32 -9.26 -7.53
C PRO A 507 -26.44 -8.24 -7.65
N TYR A 508 -26.95 -8.12 -8.88
CA TYR A 508 -28.06 -7.22 -9.18
C TYR A 508 -28.99 -7.89 -10.17
N ARG A 509 -30.27 -7.97 -9.83
CA ARG A 509 -31.28 -8.53 -10.71
C ARG A 509 -31.86 -7.44 -11.60
N VAL A 510 -31.91 -7.72 -12.91
CA VAL A 510 -32.32 -6.74 -13.90
C VAL A 510 -33.46 -7.34 -14.72
N VAL A 511 -34.55 -6.57 -14.83
CA VAL A 511 -35.70 -6.90 -15.66
C VAL A 511 -35.94 -5.76 -16.63
N VAL A 512 -36.03 -6.08 -17.91
CA VAL A 512 -36.25 -5.10 -18.97
C VAL A 512 -37.60 -5.39 -19.59
N LEU A 513 -38.46 -4.37 -19.61
CA LEU A 513 -39.80 -4.47 -20.20
C LEU A 513 -39.83 -3.65 -21.49
N SER A 514 -40.29 -4.29 -22.56
CA SER A 514 -40.41 -3.65 -23.87
C SER A 514 -41.83 -3.80 -24.36
N PHE A 515 -42.37 -2.74 -24.98
CA PHE A 515 -43.75 -2.72 -25.44
C PHE A 515 -43.75 -2.67 -26.97
N GLU A 516 -44.39 -3.65 -27.60
CA GLU A 516 -44.38 -3.76 -29.06
C GLU A 516 -45.76 -3.43 -29.58
N LEU A 517 -45.95 -2.17 -29.98
CA LEU A 517 -47.20 -1.70 -30.58
C LEU A 517 -47.00 -1.69 -32.10
N LEU A 518 -47.34 -2.80 -32.75
CA LEU A 518 -47.12 -2.97 -34.19
C LEU A 518 -48.31 -3.72 -34.78
N HIS A 519 -49.27 -2.98 -35.33
CA HIS A 519 -50.41 -3.53 -36.03
C HIS A 519 -51.28 -4.37 -35.11
N ALA A 520 -52.36 -4.95 -35.65
CA ALA A 520 -53.28 -5.85 -34.93
C ALA A 520 -54.01 -5.10 -33.82
N PRO A 521 -55.08 -5.68 -33.26
CA PRO A 521 -55.73 -5.05 -32.11
C PRO A 521 -54.85 -5.10 -30.87
N ALA A 522 -55.09 -4.15 -29.97
CA ALA A 522 -54.35 -4.06 -28.72
C ALA A 522 -54.98 -4.98 -27.68
N THR A 523 -54.16 -5.85 -27.07
CA THR A 523 -54.65 -6.84 -26.14
C THR A 523 -54.11 -6.67 -24.72
N VAL A 524 -53.17 -5.76 -24.50
CA VAL A 524 -52.64 -5.49 -23.16
C VAL A 524 -53.00 -4.05 -22.81
N CYS A 525 -53.75 -3.87 -21.73
CA CYS A 525 -54.17 -2.54 -21.32
C CYS A 525 -54.10 -2.39 -19.81
N SER B 35 -4.10 -10.98 -37.04
CA SER B 35 -4.01 -10.72 -35.61
C SER B 35 -2.57 -10.37 -35.21
N THR B 36 -2.33 -9.10 -34.93
CA THR B 36 -1.02 -8.66 -34.49
C THR B 36 -0.74 -9.19 -33.09
N ILE B 37 0.55 -9.29 -32.75
CA ILE B 37 0.95 -9.82 -31.45
C ILE B 37 0.42 -8.96 -30.30
N GLU B 38 0.18 -7.67 -30.55
CA GLU B 38 -0.34 -6.80 -29.50
C GLU B 38 -1.77 -7.17 -29.11
N GLU B 39 -2.60 -7.53 -30.08
CA GLU B 39 -3.95 -7.97 -29.78
C GLU B 39 -3.96 -9.28 -28.99
N GLN B 40 -3.08 -10.22 -29.34
CA GLN B 40 -2.95 -11.44 -28.56
C GLN B 40 -2.51 -11.12 -27.13
N ALA B 41 -1.57 -10.17 -26.98
CA ALA B 41 -1.14 -9.76 -25.65
C ALA B 41 -2.30 -9.17 -24.85
N LYS B 42 -3.12 -8.34 -25.49
CA LYS B 42 -4.26 -7.75 -24.80
C LYS B 42 -5.26 -8.81 -24.36
N THR B 43 -5.55 -9.78 -25.23
CA THR B 43 -6.48 -10.85 -24.86
C THR B 43 -5.93 -11.67 -23.70
N PHE B 44 -4.64 -12.01 -23.75
CA PHE B 44 -4.00 -12.73 -22.65
C PHE B 44 -4.07 -11.93 -21.36
N LEU B 45 -3.84 -10.62 -21.44
CA LEU B 45 -3.89 -9.78 -20.24
C LEU B 45 -5.29 -9.72 -19.67
N ASP B 46 -6.32 -9.67 -20.52
CA ASP B 46 -7.70 -9.69 -20.03
C ASP B 46 -7.98 -10.97 -19.26
N LYS B 47 -7.65 -12.11 -19.87
CA LYS B 47 -7.89 -13.40 -19.21
C LYS B 47 -7.13 -13.48 -17.89
N PHE B 48 -5.87 -13.04 -17.90
CA PHE B 48 -5.06 -13.08 -16.69
C PHE B 48 -5.64 -12.18 -15.62
N ASN B 49 -6.12 -11.00 -16.00
CA ASN B 49 -6.69 -10.08 -15.02
C ASN B 49 -7.89 -10.71 -14.33
N HIS B 50 -8.80 -11.31 -15.11
CA HIS B 50 -9.99 -11.92 -14.53
CA HIS B 50 -9.98 -11.92 -14.52
C HIS B 50 -9.60 -13.07 -13.60
N GLU B 51 -8.72 -13.95 -14.06
CA GLU B 51 -8.34 -15.10 -13.23
C GLU B 51 -7.60 -14.67 -11.96
N ALA B 52 -6.68 -13.71 -12.08
CA ALA B 52 -5.91 -13.27 -10.91
C ALA B 52 -6.78 -12.55 -9.91
N GLU B 53 -7.71 -11.71 -10.37
CA GLU B 53 -8.63 -11.07 -9.46
C GLU B 53 -9.52 -12.09 -8.75
N ASP B 54 -9.92 -13.17 -9.43
CA ASP B 54 -10.64 -14.22 -8.74
C ASP B 54 -9.78 -14.94 -7.70
N LEU B 55 -8.51 -15.22 -8.02
CA LEU B 55 -7.70 -16.07 -7.16
C LEU B 55 -7.10 -15.33 -5.96
N PHE B 56 -6.71 -14.07 -6.13
CA PHE B 56 -6.00 -13.34 -5.08
C PHE B 56 -6.90 -13.03 -3.89
N TYR B 57 -8.21 -12.88 -4.12
CA TYR B 57 -9.13 -12.57 -3.04
C TYR B 57 -9.17 -13.68 -2.00
N GLN B 58 -9.15 -14.94 -2.46
CA GLN B 58 -9.20 -16.06 -1.52
C GLN B 58 -7.96 -16.08 -0.62
N SER B 59 -6.79 -15.84 -1.20
CA SER B 59 -5.57 -15.80 -0.39
C SER B 59 -5.61 -14.65 0.60
N SER B 60 -6.07 -13.47 0.16
CA SER B 60 -6.17 -12.33 1.09
C SER B 60 -7.14 -12.63 2.22
N LEU B 61 -8.28 -13.24 1.91
CA LEU B 61 -9.27 -13.55 2.94
C LEU B 61 -8.75 -14.59 3.91
N ALA B 62 -8.03 -15.59 3.42
CA ALA B 62 -7.44 -16.60 4.30
C ALA B 62 -6.40 -15.98 5.23
N SER B 63 -5.56 -15.09 4.69
CA SER B 63 -4.59 -14.39 5.52
C SER B 63 -5.27 -13.55 6.59
N TRP B 64 -6.34 -12.85 6.21
CA TRP B 64 -7.08 -12.06 7.19
C TRP B 64 -7.69 -12.94 8.27
N ASN B 65 -8.25 -14.08 7.89
CA ASN B 65 -8.83 -14.99 8.87
C ASN B 65 -7.77 -15.52 9.82
N TYR B 66 -6.58 -15.83 9.32
CA TYR B 66 -5.52 -16.31 10.19
C TYR B 66 -5.05 -15.23 11.15
N ASN B 67 -4.83 -14.01 10.63
CA ASN B 67 -4.33 -12.94 11.50
C ASN B 67 -5.36 -12.52 12.53
N THR B 68 -6.63 -12.46 12.16
CA THR B 68 -7.68 -12.11 13.10
C THR B 68 -7.92 -13.21 14.13
N ASN B 69 -7.90 -14.47 13.69
CA ASN B 69 -8.26 -15.60 14.55
C ASN B 69 -7.19 -16.67 14.37
N ILE B 70 -6.25 -16.73 15.31
CA ILE B 70 -5.13 -17.66 15.20
C ILE B 70 -5.55 -19.04 15.70
N THR B 71 -5.59 -20.01 14.79
CA THR B 71 -5.88 -21.40 15.12
C THR B 71 -4.97 -22.27 14.26
N GLU B 72 -5.28 -23.57 14.19
CA GLU B 72 -4.51 -24.50 13.38
C GLU B 72 -5.06 -24.68 11.98
N GLU B 73 -6.40 -24.72 11.83
CA GLU B 73 -7.00 -24.85 10.51
C GLU B 73 -6.72 -23.63 9.65
N ASN B 74 -6.70 -22.44 10.27
CA ASN B 74 -6.46 -21.21 9.53
C ASN B 74 -5.07 -21.22 8.90
N VAL B 75 -4.08 -21.75 9.60
CA VAL B 75 -2.73 -21.85 9.05
C VAL B 75 -2.73 -22.72 7.79
N GLN B 76 -3.41 -23.86 7.85
CA GLN B 76 -3.47 -24.74 6.68
C GLN B 76 -4.18 -24.08 5.52
N ASN B 77 -5.31 -23.40 5.79
CA ASN B 77 -6.03 -22.71 4.73
C ASN B 77 -5.18 -21.63 4.09
N MET B 78 -4.48 -20.84 4.91
CA MET B 78 -3.62 -19.78 4.39
C MET B 78 -2.50 -20.36 3.54
N ASN B 79 -1.88 -21.45 4.01
CA ASN B 79 -0.80 -22.08 3.23
C ASN B 79 -1.31 -22.60 1.89
N ASN B 80 -2.48 -23.25 1.89
CA ASN B 80 -3.02 -23.77 0.64
C ASN B 80 -3.34 -22.64 -0.34
N ALA B 81 -3.95 -21.57 0.16
CA ALA B 81 -4.26 -20.44 -0.71
C ALA B 81 -3.00 -19.80 -1.28
N GLY B 82 -1.98 -19.63 -0.45
CA GLY B 82 -0.72 -19.08 -0.93
C GLY B 82 -0.06 -19.97 -1.97
N ASP B 83 -0.09 -21.29 -1.76
CA ASP B 83 0.48 -22.20 -2.74
C ASP B 83 -0.25 -22.12 -4.06
N LYS B 84 -1.59 -22.09 -4.02
CA LYS B 84 -2.36 -21.98 -5.26
C LYS B 84 -2.05 -20.67 -5.98
N TRP B 85 -1.97 -19.57 -5.25
CA TRP B 85 -1.67 -18.28 -5.88
C TRP B 85 -0.28 -18.28 -6.51
N SER B 86 0.71 -18.83 -5.80
CA SER B 86 2.07 -18.87 -6.34
C SER B 86 2.15 -19.75 -7.59
N ALA B 87 1.48 -20.91 -7.56
CA ALA B 87 1.49 -21.77 -8.73
C ALA B 87 0.82 -21.10 -9.93
N PHE B 88 -0.31 -20.42 -9.70
CA PHE B 88 -0.96 -19.71 -10.79
C PHE B 88 -0.07 -18.62 -11.35
N LEU B 89 0.59 -17.85 -10.48
CA LEU B 89 1.45 -16.78 -10.96
C LEU B 89 2.62 -17.32 -11.78
N LYS B 90 3.21 -18.44 -11.32
CA LYS B 90 4.32 -19.04 -12.07
C LYS B 90 3.85 -19.51 -13.45
N GLU B 91 2.71 -20.21 -13.50
CA GLU B 91 2.23 -20.74 -14.77
C GLU B 91 1.81 -19.63 -15.72
N GLN B 92 1.33 -18.49 -15.18
CA GLN B 92 1.00 -17.37 -16.05
C GLN B 92 2.25 -16.64 -16.55
N SER B 93 3.28 -16.50 -15.71
CA SER B 93 4.53 -15.91 -16.19
C SER B 93 5.13 -16.75 -17.31
N THR B 94 5.10 -18.08 -17.15
CA THR B 94 5.68 -18.97 -18.16
C THR B 94 5.04 -18.72 -19.52
N LEU B 95 3.72 -18.56 -19.56
CA LEU B 95 3.05 -18.19 -20.81
C LEU B 95 3.34 -16.75 -21.18
N ALA B 96 3.68 -15.91 -20.19
CA ALA B 96 3.89 -14.50 -20.45
C ALA B 96 5.15 -14.24 -21.27
N GLN B 97 6.21 -15.03 -21.06
CA GLN B 97 7.41 -14.78 -21.84
C GLN B 97 7.23 -15.03 -23.34
N MET B 98 6.05 -15.50 -23.77
CA MET B 98 5.84 -15.82 -25.17
C MET B 98 5.80 -14.59 -26.07
N TYR B 99 5.70 -13.38 -25.49
CA TYR B 99 5.58 -12.18 -26.31
C TYR B 99 6.90 -11.42 -26.35
N PRO B 100 7.37 -11.02 -27.54
CA PRO B 100 8.69 -10.39 -27.63
C PRO B 100 8.86 -9.13 -26.81
N LEU B 101 7.80 -8.34 -26.65
CA LEU B 101 7.72 -7.08 -25.93
C LEU B 101 8.40 -5.94 -26.72
N GLN B 102 9.07 -6.23 -27.82
CA GLN B 102 9.67 -5.20 -28.66
C GLN B 102 8.73 -4.69 -29.73
N GLU B 103 7.54 -5.27 -29.86
CA GLU B 103 6.58 -4.90 -30.89
C GLU B 103 5.29 -4.33 -30.31
N ILE B 104 5.39 -3.73 -29.12
CA ILE B 104 4.22 -3.19 -28.42
C ILE B 104 4.39 -1.67 -28.34
N GLN B 105 3.39 -0.95 -28.86
CA GLN B 105 3.42 0.51 -28.89
C GLN B 105 2.54 1.15 -27.83
N ASN B 106 1.91 0.35 -26.98
CA ASN B 106 1.04 0.86 -25.92
C ASN B 106 1.77 0.76 -24.59
N LEU B 107 1.76 1.86 -23.83
CA LEU B 107 2.54 1.91 -22.59
C LEU B 107 1.96 1.02 -21.51
N THR B 108 0.62 0.99 -21.39
CA THR B 108 -0.01 0.20 -20.33
C THR B 108 0.25 -1.29 -20.53
N VAL B 109 0.06 -1.79 -21.76
CA VAL B 109 0.32 -3.18 -22.05
C VAL B 109 1.79 -3.50 -21.83
N LYS B 110 2.68 -2.60 -22.26
CA LYS B 110 4.10 -2.82 -22.07
C LYS B 110 4.46 -2.94 -20.59
N LEU B 111 3.91 -2.05 -19.75
CA LEU B 111 4.21 -2.10 -18.33
C LEU B 111 3.67 -3.38 -17.69
N GLN B 112 2.45 -3.77 -18.03
CA GLN B 112 1.90 -5.00 -17.44
C GLN B 112 2.71 -6.23 -17.87
N LEU B 113 3.09 -6.29 -19.14
CA LEU B 113 3.88 -7.44 -19.61
C LEU B 113 5.27 -7.43 -18.99
N GLN B 114 5.87 -6.25 -18.82
CA GLN B 114 7.17 -6.17 -18.16
C GLN B 114 7.08 -6.66 -16.72
N ALA B 115 6.00 -6.30 -16.01
CA ALA B 115 5.82 -6.79 -14.66
C ALA B 115 5.62 -8.30 -14.64
N LEU B 116 4.89 -8.84 -15.62
CA LEU B 116 4.59 -10.26 -15.64
C LEU B 116 5.77 -11.12 -16.09
N GLN B 117 6.63 -10.60 -16.96
CA GLN B 117 7.65 -11.41 -17.61
C GLN B 117 8.91 -11.60 -16.79
N GLN B 118 9.03 -10.99 -15.61
CA GLN B 118 10.26 -11.10 -14.84
C GLN B 118 10.43 -12.52 -14.31
N ASN B 119 11.63 -13.08 -14.53
CA ASN B 119 11.90 -14.45 -14.13
C ASN B 119 12.13 -14.57 -12.62
N GLY B 120 12.79 -13.58 -12.02
CA GLY B 120 13.08 -13.67 -10.61
C GLY B 120 14.17 -14.68 -10.31
N SER B 121 14.03 -15.35 -9.16
CA SER B 121 15.00 -16.33 -8.71
C SER B 121 14.71 -17.72 -9.26
N SER B 122 14.59 -17.83 -10.58
CA SER B 122 14.36 -19.10 -11.24
C SER B 122 15.28 -19.35 -12.43
N VAL B 123 16.00 -18.34 -12.91
CA VAL B 123 16.90 -18.52 -14.04
C VAL B 123 18.08 -19.42 -13.64
N LEU B 124 18.53 -19.33 -12.39
CA LEU B 124 19.63 -20.16 -11.91
C LEU B 124 19.16 -21.61 -11.74
N SER B 125 20.11 -22.49 -11.42
CA SER B 125 19.83 -23.91 -11.33
C SER B 125 18.96 -24.20 -10.09
N GLU B 126 18.59 -25.47 -9.94
CA GLU B 126 17.70 -25.90 -8.87
C GLU B 126 18.43 -26.10 -7.56
N ASP B 127 19.58 -26.78 -7.59
CA ASP B 127 20.35 -26.98 -6.36
C ASP B 127 20.83 -25.65 -5.79
N LYS B 128 21.24 -24.73 -6.66
CA LYS B 128 21.61 -23.39 -6.19
C LYS B 128 20.42 -22.67 -5.58
N SER B 129 19.23 -22.85 -6.15
CA SER B 129 18.04 -22.26 -5.57
C SER B 129 17.75 -22.83 -4.18
N LYS B 130 17.91 -24.14 -4.01
CA LYS B 130 17.73 -24.76 -2.70
C LYS B 130 18.76 -24.22 -1.71
N ARG B 131 20.01 -24.08 -2.15
CA ARG B 131 21.04 -23.53 -1.28
C ARG B 131 20.71 -22.10 -0.86
N LEU B 132 20.24 -21.28 -1.80
CA LEU B 132 19.86 -19.91 -1.47
C LEU B 132 18.72 -19.85 -0.48
N ASN B 133 17.70 -20.68 -0.69
CA ASN B 133 16.57 -20.71 0.24
C ASN B 133 17.01 -21.17 1.62
N THR B 134 17.88 -22.18 1.69
CA THR B 134 18.38 -22.66 2.98
C THR B 134 19.19 -21.57 3.68
N ILE B 135 20.02 -20.85 2.94
CA ILE B 135 20.82 -19.78 3.54
C ILE B 135 19.91 -18.68 4.08
N LEU B 136 18.89 -18.29 3.31
CA LEU B 136 17.96 -17.27 3.78
C LEU B 136 17.25 -17.74 5.04
N ASN B 137 16.77 -18.98 5.05
CA ASN B 137 16.04 -19.50 6.20
C ASN B 137 16.93 -19.57 7.44
N THR B 138 18.18 -20.01 7.27
CA THR B 138 19.06 -20.14 8.45
C THR B 138 19.47 -18.78 8.98
N MET B 139 19.70 -17.80 8.11
CA MET B 139 19.97 -16.44 8.60
C MET B 139 18.77 -15.88 9.35
N SER B 140 17.57 -16.09 8.79
CA SER B 140 16.36 -15.58 9.43
C SER B 140 16.18 -16.20 10.81
N THR B 141 16.35 -17.52 10.92
CA THR B 141 16.13 -18.18 12.21
C THR B 141 17.25 -17.87 13.21
N ILE B 142 18.48 -17.66 12.73
CA ILE B 142 19.56 -17.26 13.62
C ILE B 142 19.26 -15.88 14.20
N TYR B 143 18.81 -14.95 13.37
CA TYR B 143 18.42 -13.64 13.90
C TYR B 143 17.23 -13.74 14.84
N SER B 144 16.25 -14.58 14.49
CA SER B 144 15.03 -14.66 15.29
C SER B 144 15.29 -15.24 16.68
N THR B 145 16.10 -16.30 16.76
CA THR B 145 16.35 -16.91 18.08
C THR B 145 17.33 -16.06 18.89
N GLY B 146 18.57 -15.94 18.39
CA GLY B 146 19.59 -15.06 18.93
C GLY B 146 19.63 -14.89 20.44
N LYS B 147 19.55 -15.99 21.19
CA LYS B 147 19.59 -15.91 22.64
C LYS B 147 21.01 -15.58 23.11
N VAL B 148 21.11 -14.72 24.12
CA VAL B 148 22.39 -14.27 24.64
C VAL B 148 22.40 -14.47 26.15
N CYS B 149 23.43 -15.14 26.64
CA CYS B 149 23.61 -15.38 28.06
C CYS B 149 24.46 -14.27 28.68
N ASN B 150 24.61 -14.34 30.00
CA ASN B 150 25.40 -13.37 30.75
C ASN B 150 26.43 -14.08 31.62
N PRO B 151 27.60 -13.48 31.83
CA PRO B 151 28.61 -14.10 32.70
C PRO B 151 28.25 -14.11 34.16
N ASP B 152 27.30 -13.27 34.60
CA ASP B 152 26.94 -13.23 36.01
C ASP B 152 26.32 -14.54 36.48
N ASN B 153 25.45 -15.13 35.64
CA ASN B 153 24.77 -16.36 36.00
C ASN B 153 24.57 -17.19 34.75
N PRO B 154 24.84 -18.51 34.80
CA PRO B 154 24.68 -19.33 33.60
C PRO B 154 23.25 -19.42 33.09
N GLN B 155 22.26 -19.15 33.92
CA GLN B 155 20.85 -19.28 33.54
C GLN B 155 20.12 -17.96 33.77
N GLU B 156 20.73 -16.87 33.34
CA GLU B 156 20.13 -15.54 33.38
C GLU B 156 20.21 -14.88 32.01
N CYS B 157 19.91 -15.67 30.98
CA CYS B 157 20.06 -15.19 29.61
C CYS B 157 18.94 -14.23 29.24
N LEU B 158 19.30 -13.18 28.51
CA LEU B 158 18.35 -12.20 27.99
C LEU B 158 18.34 -12.25 26.48
N LEU B 159 17.16 -12.40 25.89
CA LEU B 159 17.01 -12.42 24.45
C LEU B 159 16.89 -10.98 23.94
N LEU B 160 16.58 -10.82 22.65
CA LEU B 160 16.66 -9.49 22.03
C LEU B 160 15.43 -8.64 22.33
N GLU B 161 14.26 -9.09 21.88
CA GLU B 161 13.08 -8.22 21.92
C GLU B 161 12.70 -7.80 23.34
N PRO B 162 12.59 -8.69 24.32
CA PRO B 162 12.49 -8.23 25.70
C PRO B 162 13.87 -8.01 26.31
N GLY B 163 13.91 -7.12 27.30
CA GLY B 163 15.11 -6.92 28.09
C GLY B 163 16.24 -6.18 27.41
N LEU B 164 16.78 -6.77 26.34
CA LEU B 164 17.94 -6.16 25.68
C LEU B 164 17.60 -4.79 25.11
N ASN B 165 16.43 -4.66 24.46
CA ASN B 165 15.99 -3.35 24.01
C ASN B 165 15.76 -2.42 25.20
N GLU B 166 15.22 -2.94 26.30
CA GLU B 166 15.07 -2.14 27.51
C GLU B 166 16.43 -1.76 28.09
N ILE B 167 17.37 -2.70 28.11
CA ILE B 167 18.68 -2.44 28.71
C ILE B 167 19.52 -1.53 27.82
N MET B 168 19.13 -1.33 26.56
CA MET B 168 19.84 -0.41 25.69
C MET B 168 19.13 0.92 25.50
N ALA B 169 17.83 0.99 25.77
CA ALA B 169 17.05 2.21 25.55
C ALA B 169 16.93 3.07 26.80
N ASN B 170 16.37 2.51 27.88
CA ASN B 170 16.08 3.26 29.08
C ASN B 170 17.22 3.25 30.10
N SER B 171 18.33 2.61 29.78
CA SER B 171 19.44 2.51 30.72
C SER B 171 20.31 3.76 30.67
N LEU B 172 21.06 3.97 31.76
CA LEU B 172 22.00 5.07 31.85
C LEU B 172 23.41 4.63 32.22
N ASP B 173 23.61 3.39 32.66
CA ASP B 173 24.93 2.93 33.01
C ASP B 173 25.78 2.70 31.77
N TYR B 174 27.06 3.05 31.87
CA TYR B 174 27.98 2.90 30.74
C TYR B 174 28.36 1.44 30.54
N ASN B 175 28.80 0.77 31.62
CA ASN B 175 29.31 -0.59 31.50
C ASN B 175 28.23 -1.57 31.04
N GLU B 176 27.01 -1.42 31.55
CA GLU B 176 25.94 -2.35 31.21
C GLU B 176 25.62 -2.30 29.71
N ARG B 177 25.41 -1.09 29.18
CA ARG B 177 25.07 -0.97 27.78
C ARG B 177 26.26 -1.29 26.89
N LEU B 178 27.49 -1.00 27.35
CA LEU B 178 28.67 -1.44 26.60
C LEU B 178 28.72 -2.95 26.50
N TRP B 179 28.47 -3.63 27.63
CA TRP B 179 28.43 -5.09 27.63
C TRP B 179 27.37 -5.63 26.68
N ALA B 180 26.16 -5.06 26.73
CA ALA B 180 25.10 -5.54 25.86
C ALA B 180 25.46 -5.33 24.39
N TRP B 181 25.94 -4.14 24.06
CA TRP B 181 26.28 -3.81 22.67
C TRP B 181 27.37 -4.73 22.13
N GLU B 182 28.40 -5.00 22.94
CA GLU B 182 29.45 -5.91 22.50
C GLU B 182 28.93 -7.33 22.39
N SER B 183 28.21 -7.80 23.41
CA SER B 183 27.85 -9.22 23.49
C SER B 183 26.89 -9.62 22.38
N TRP B 184 25.81 -8.84 22.18
CA TRP B 184 24.83 -9.22 21.17
C TRP B 184 25.47 -9.25 19.78
N ARG B 185 26.23 -8.21 19.45
CA ARG B 185 26.81 -8.10 18.12
C ARG B 185 27.88 -9.16 17.89
N SER B 186 28.68 -9.47 18.92
CA SER B 186 29.68 -10.52 18.81
C SER B 186 29.03 -11.88 18.62
N GLU B 187 27.98 -12.16 19.38
CA GLU B 187 27.29 -13.45 19.30
C GLU B 187 26.64 -13.64 17.94
N VAL B 188 25.97 -12.59 17.43
CA VAL B 188 25.23 -12.74 16.19
C VAL B 188 26.16 -12.70 14.98
N GLY B 189 27.02 -11.68 14.92
CA GLY B 189 27.82 -11.44 13.73
C GLY B 189 28.91 -12.46 13.47
N LYS B 190 29.31 -13.24 14.47
CA LYS B 190 30.37 -14.23 14.32
C LYS B 190 29.75 -15.59 14.01
N GLN B 191 28.55 -15.56 13.45
CA GLN B 191 27.84 -16.78 13.08
C GLN B 191 27.24 -16.65 11.69
N LEU B 192 27.20 -15.42 11.17
CA LEU B 192 26.55 -15.14 9.90
C LEU B 192 27.51 -14.79 8.76
N ARG B 193 28.78 -14.52 9.07
CA ARG B 193 29.72 -14.10 8.03
C ARG B 193 29.90 -15.14 6.93
N PRO B 194 30.20 -16.42 7.20
CA PRO B 194 30.27 -17.39 6.10
C PRO B 194 28.97 -17.53 5.35
N LEU B 195 27.83 -17.46 6.06
CA LEU B 195 26.54 -17.49 5.39
C LEU B 195 26.34 -16.27 4.52
N TYR B 196 26.74 -15.10 5.02
CA TYR B 196 26.51 -13.86 4.28
C TYR B 196 27.36 -13.78 3.02
N GLU B 197 28.58 -14.32 3.06
CA GLU B 197 29.41 -14.31 1.85
C GLU B 197 28.78 -15.15 0.74
N GLU B 198 28.29 -16.35 1.09
CA GLU B 198 27.64 -17.20 0.09
C GLU B 198 26.33 -16.57 -0.38
N TYR B 199 25.60 -15.94 0.53
CA TYR B 199 24.43 -15.15 0.15
C TYR B 199 24.78 -14.12 -0.91
N VAL B 200 25.86 -13.36 -0.67
CA VAL B 200 26.24 -12.28 -1.58
C VAL B 200 26.60 -12.86 -2.95
N VAL B 201 27.40 -13.92 -2.98
CA VAL B 201 27.85 -14.44 -4.27
C VAL B 201 26.69 -15.07 -5.03
N LEU B 202 25.79 -15.77 -4.33
CA LEU B 202 24.64 -16.37 -5.00
C LEU B 202 23.70 -15.30 -5.56
N LYS B 203 23.44 -14.24 -4.79
CA LYS B 203 22.58 -13.18 -5.30
C LYS B 203 23.22 -12.44 -6.46
N ASN B 204 24.54 -12.23 -6.42
CA ASN B 204 25.22 -11.62 -7.55
C ASN B 204 25.11 -12.49 -8.79
N GLU B 205 25.26 -13.81 -8.63
CA GLU B 205 25.11 -14.71 -9.77
C GLU B 205 23.70 -14.65 -10.33
N MET B 206 22.69 -14.64 -9.46
CA MET B 206 21.31 -14.56 -9.94
C MET B 206 21.05 -13.25 -10.69
N ALA B 207 21.53 -12.14 -10.14
CA ALA B 207 21.35 -10.85 -10.80
C ALA B 207 22.05 -10.82 -12.15
N ARG B 208 23.26 -11.38 -12.23
CA ARG B 208 23.97 -11.43 -13.50
C ARG B 208 23.22 -12.29 -14.51
N ALA B 209 22.64 -13.41 -14.06
CA ALA B 209 21.83 -14.23 -14.94
C ALA B 209 20.53 -13.54 -15.36
N ASN B 210 20.06 -12.56 -14.58
CA ASN B 210 18.86 -11.80 -14.92
C ASN B 210 19.17 -10.51 -15.69
N HIS B 211 20.29 -10.48 -16.42
CA HIS B 211 20.69 -9.32 -17.22
C HIS B 211 20.84 -8.07 -16.37
N TYR B 212 21.47 -8.20 -15.21
CA TYR B 212 21.78 -7.09 -14.33
C TYR B 212 23.26 -7.10 -13.97
N GLU B 213 23.82 -5.91 -13.75
CA GLU B 213 25.24 -5.82 -13.40
C GLU B 213 25.52 -6.50 -12.06
N ASP B 214 24.67 -6.25 -11.07
CA ASP B 214 24.80 -6.84 -9.75
C ASP B 214 23.46 -6.72 -9.04
N TYR B 215 23.37 -7.32 -7.86
CA TYR B 215 22.11 -7.34 -7.13
C TYR B 215 21.72 -5.96 -6.61
N GLY B 216 22.71 -5.10 -6.37
CA GLY B 216 22.41 -3.72 -6.05
C GLY B 216 21.70 -3.01 -7.18
N ASP B 217 22.11 -3.29 -8.43
CA ASP B 217 21.39 -2.76 -9.58
C ASP B 217 19.98 -3.32 -9.64
N TYR B 218 19.81 -4.58 -9.26
CA TYR B 218 18.47 -5.18 -9.19
C TYR B 218 17.59 -4.43 -8.21
N TRP B 219 18.14 -4.06 -7.05
CA TRP B 219 17.39 -3.23 -6.11
C TRP B 219 17.10 -1.85 -6.68
N ARG B 220 18.10 -1.23 -7.31
CA ARG B 220 17.94 0.12 -7.84
C ARG B 220 16.94 0.19 -8.98
N GLY B 221 16.69 -0.93 -9.66
CA GLY B 221 15.80 -0.93 -10.81
C GLY B 221 14.36 -0.52 -10.53
N ASP B 222 13.98 -0.29 -9.28
CA ASP B 222 12.62 0.14 -8.97
C ASP B 222 12.37 1.60 -9.32
N TYR B 223 13.42 2.43 -9.32
CA TYR B 223 13.29 3.85 -9.63
C TYR B 223 13.61 4.15 -11.09
N GLU B 224 13.48 3.17 -11.98
CA GLU B 224 13.90 3.31 -13.36
C GLU B 224 12.70 3.58 -14.25
N VAL B 225 12.75 4.67 -15.00
CA VAL B 225 11.74 5.02 -15.99
C VAL B 225 12.43 5.19 -17.33
N ASN B 226 11.99 4.42 -18.33
CA ASN B 226 12.55 4.49 -19.66
C ASN B 226 11.45 4.30 -20.69
N GLY B 227 11.64 4.86 -21.88
CA GLY B 227 10.68 4.77 -22.94
C GLY B 227 9.73 5.94 -23.07
N VAL B 228 9.74 6.87 -22.11
CA VAL B 228 8.90 8.05 -22.14
C VAL B 228 9.81 9.26 -22.22
N ASP B 229 9.71 10.02 -23.30
CA ASP B 229 10.57 11.19 -23.49
C ASP B 229 10.18 12.30 -22.52
N GLY B 230 11.20 12.98 -22.00
CA GLY B 230 10.99 14.06 -21.05
C GLY B 230 10.89 13.62 -19.60
N TYR B 231 10.75 12.33 -19.34
CA TYR B 231 10.64 11.78 -17.99
C TYR B 231 11.52 10.56 -17.85
N ASP B 232 12.68 10.57 -18.50
CA ASP B 232 13.57 9.42 -18.54
C ASP B 232 14.47 9.43 -17.30
N TYR B 233 14.53 8.29 -16.61
CA TYR B 233 15.32 8.14 -15.41
C TYR B 233 16.21 6.90 -15.54
N SER B 234 17.45 7.02 -15.11
CA SER B 234 18.43 5.96 -15.19
C SER B 234 18.68 5.34 -13.82
N ARG B 235 19.06 4.06 -13.81
CA ARG B 235 19.32 3.38 -12.55
C ARG B 235 20.53 3.97 -11.83
N GLY B 236 21.49 4.52 -12.57
CA GLY B 236 22.68 5.10 -11.97
C GLY B 236 22.53 6.53 -11.48
N GLN B 237 21.43 7.21 -11.83
CA GLN B 237 21.21 8.57 -11.37
C GLN B 237 20.80 8.64 -9.90
N LEU B 238 20.29 7.54 -9.36
CA LEU B 238 19.82 7.53 -7.98
C LEU B 238 20.95 7.84 -7.01
N ILE B 239 22.13 7.24 -7.24
CA ILE B 239 23.27 7.47 -6.35
C ILE B 239 23.69 8.93 -6.38
N GLU B 240 23.80 9.50 -7.58
CA GLU B 240 24.22 10.90 -7.70
C GLU B 240 23.21 11.83 -7.04
N ASP B 241 21.91 11.58 -7.25
CA ASP B 241 20.90 12.43 -6.63
C ASP B 241 20.92 12.32 -5.12
N VAL B 242 21.10 11.11 -4.60
CA VAL B 242 21.14 10.93 -3.14
C VAL B 242 22.34 11.65 -2.54
N GLU B 243 23.51 11.54 -3.17
CA GLU B 243 24.67 12.27 -2.67
C GLU B 243 24.49 13.78 -2.76
N HIS B 244 23.87 14.26 -3.85
CA HIS B 244 23.61 15.68 -3.97
C HIS B 244 22.71 16.18 -2.85
N THR B 245 21.67 15.41 -2.52
CA THR B 245 20.79 15.80 -1.42
C THR B 245 21.53 15.77 -0.07
N PHE B 246 22.35 14.74 0.15
CA PHE B 246 23.04 14.63 1.42
C PHE B 246 24.06 15.75 1.61
N GLU B 247 24.65 16.25 0.53
CA GLU B 247 25.58 17.37 0.64
C GLU B 247 24.89 18.59 1.25
N GLU B 248 23.66 18.88 0.81
CA GLU B 248 22.92 19.98 1.42
C GLU B 248 22.42 19.63 2.81
N ILE B 249 22.11 18.37 3.07
CA ILE B 249 21.63 17.97 4.39
C ILE B 249 22.71 18.15 5.45
N LYS B 250 23.97 17.92 5.10
CA LYS B 250 25.02 17.75 6.12
C LYS B 250 25.13 18.86 7.17
N PRO B 251 25.10 20.16 6.84
CA PRO B 251 25.32 21.17 7.90
C PRO B 251 24.35 21.09 9.07
N LEU B 252 23.07 20.87 8.81
CA LEU B 252 22.10 20.78 9.91
C LEU B 252 22.39 19.58 10.78
N TYR B 253 22.76 18.45 10.16
CA TYR B 253 23.15 17.28 10.94
C TYR B 253 24.39 17.56 11.79
N GLU B 254 25.34 18.32 11.24
CA GLU B 254 26.54 18.66 12.01
C GLU B 254 26.18 19.49 13.24
N HIS B 255 25.31 20.49 13.06
CA HIS B 255 24.91 21.32 14.20
C HIS B 255 24.16 20.52 15.25
N LEU B 256 23.22 19.67 14.82
CA LEU B 256 22.48 18.84 15.77
C LEU B 256 23.40 17.86 16.48
N HIS B 257 24.37 17.30 15.74
CA HIS B 257 25.33 16.37 16.34
C HIS B 257 26.19 17.08 17.37
N ALA B 258 26.61 18.32 17.09
CA ALA B 258 27.39 19.08 18.07
C ALA B 258 26.58 19.36 19.33
N TYR B 259 25.32 19.75 19.17
CA TYR B 259 24.47 20.01 20.33
C TYR B 259 24.28 18.74 21.17
N VAL B 260 23.99 17.62 20.51
CA VAL B 260 23.81 16.36 21.22
C VAL B 260 25.11 15.93 21.88
N ARG B 261 26.24 16.17 21.22
CA ARG B 261 27.54 15.83 21.80
C ARG B 261 27.80 16.62 23.07
N ALA B 262 27.51 17.92 23.05
CA ALA B 262 27.71 18.73 24.24
C ALA B 262 26.80 18.25 25.39
N LYS B 263 25.53 18.03 25.09
CA LYS B 263 24.61 17.59 26.14
C LYS B 263 24.98 16.21 26.69
N LEU B 264 25.40 15.30 25.82
CA LEU B 264 25.74 13.96 26.27
C LEU B 264 27.08 13.93 27.00
N MET B 265 28.01 14.82 26.64
CA MET B 265 29.23 14.97 27.42
C MET B 265 28.91 15.50 28.81
N ASN B 266 27.97 16.44 28.90
CA ASN B 266 27.46 16.83 30.22
C ASN B 266 26.83 15.64 30.94
N ALA B 267 26.18 14.74 30.20
CA ALA B 267 25.57 13.57 30.81
C ALA B 267 26.62 12.56 31.25
N TYR B 268 27.61 12.28 30.40
CA TYR B 268 28.67 11.32 30.70
C TYR B 268 29.98 12.04 30.96
N PRO B 269 30.43 12.14 32.21
CA PRO B 269 31.69 12.83 32.48
C PRO B 269 32.90 11.97 32.17
N SER B 270 33.93 12.61 31.61
CA SER B 270 35.22 11.99 31.33
C SER B 270 35.09 10.76 30.42
N TYR B 271 34.17 10.81 29.46
CA TYR B 271 34.01 9.74 28.49
C TYR B 271 33.93 10.23 27.05
N ILE B 272 33.50 11.46 26.80
CA ILE B 272 33.31 11.98 25.45
C ILE B 272 34.26 13.15 25.25
N SER B 273 35.15 13.03 24.27
CA SER B 273 36.01 14.14 23.91
C SER B 273 35.21 15.21 23.19
N PRO B 274 35.43 16.50 23.51
CA PRO B 274 34.67 17.55 22.82
C PRO B 274 34.95 17.64 21.34
N ILE B 275 36.07 17.09 20.87
CA ILE B 275 36.45 17.16 19.46
C ILE B 275 36.36 15.80 18.79
N GLY B 276 35.86 14.78 19.50
CA GLY B 276 35.82 13.44 18.95
C GLY B 276 34.45 13.04 18.41
N CYS B 277 34.17 11.74 18.43
CA CYS B 277 32.94 11.19 17.89
C CYS B 277 32.15 10.52 19.01
N LEU B 278 30.83 10.49 18.85
CA LEU B 278 29.97 9.87 19.84
C LEU B 278 30.13 8.35 19.81
N PRO B 279 30.32 7.70 20.96
CA PRO B 279 30.38 6.23 20.98
C PRO B 279 29.06 5.63 20.51
N ALA B 280 29.16 4.45 19.89
CA ALA B 280 27.99 3.83 19.27
C ALA B 280 26.93 3.47 20.29
N HIS B 281 27.34 2.97 21.45
CA HIS B 281 26.39 2.41 22.41
C HIS B 281 25.67 3.46 23.24
N LEU B 282 25.96 4.75 23.04
CA LEU B 282 25.34 5.83 23.81
C LEU B 282 24.24 6.54 23.03
N LEU B 283 23.81 5.98 21.89
CA LEU B 283 22.82 6.64 21.04
C LEU B 283 21.39 6.20 21.36
N GLY B 284 21.19 5.33 22.35
CA GLY B 284 19.86 4.92 22.74
C GLY B 284 19.30 3.73 21.99
N ASP B 285 20.02 3.19 21.01
CA ASP B 285 19.58 2.05 20.24
C ASP B 285 20.74 1.09 20.06
N MET B 286 20.41 -0.17 19.74
CA MET B 286 21.44 -1.17 19.46
C MET B 286 22.28 -0.77 18.27
N TRP B 287 21.69 -0.10 17.28
CA TRP B 287 22.39 0.26 16.05
C TRP B 287 22.52 1.77 15.84
N GLY B 288 21.75 2.58 16.56
CA GLY B 288 21.76 4.01 16.34
C GLY B 288 20.86 4.49 15.23
N ARG B 289 19.86 3.69 14.84
CA ARG B 289 18.98 4.09 13.74
C ARG B 289 18.19 5.34 14.10
N PHE B 290 17.67 5.42 15.33
CA PHE B 290 16.88 6.55 15.78
C PHE B 290 17.50 7.15 17.04
N TRP B 291 17.41 8.47 17.15
CA TRP B 291 17.84 9.19 18.34
C TRP B 291 16.66 9.64 19.21
N THR B 292 15.48 9.04 19.00
CA THR B 292 14.29 9.47 19.72
C THR B 292 14.34 9.18 21.21
N ASN B 293 15.19 8.26 21.64
CA ASN B 293 15.31 7.94 23.06
C ASN B 293 16.29 8.85 23.79
N LEU B 294 16.91 9.80 23.10
CA LEU B 294 17.80 10.77 23.70
C LEU B 294 17.09 12.05 24.11
N TYR B 295 15.77 12.10 23.98
CA TYR B 295 15.03 13.31 24.31
C TYR B 295 15.12 13.65 25.80
N SER B 296 15.14 12.63 26.65
CA SER B 296 15.20 12.89 28.10
C SER B 296 16.49 13.62 28.47
N LEU B 297 17.62 13.21 27.90
CA LEU B 297 18.89 13.87 28.21
C LEU B 297 19.03 15.21 27.50
N THR B 298 18.46 15.35 26.30
CA THR B 298 18.61 16.55 25.49
C THR B 298 17.25 17.19 25.30
N VAL B 299 16.88 18.08 26.21
CA VAL B 299 15.64 18.85 26.10
C VAL B 299 15.96 20.33 26.34
N PRO B 300 15.52 21.23 25.45
CA PRO B 300 15.85 22.64 25.61
C PRO B 300 15.33 23.24 26.91
N PHE B 301 14.02 23.14 27.12
CA PHE B 301 13.35 23.68 28.30
C PHE B 301 12.56 22.55 28.94
N GLY B 302 13.18 21.85 29.90
CA GLY B 302 12.55 20.70 30.52
C GLY B 302 11.39 21.03 31.42
N GLN B 303 11.31 22.27 31.91
CA GLN B 303 10.19 22.65 32.77
C GLN B 303 8.86 22.60 32.01
N LYS B 304 8.85 23.08 30.78
CA LYS B 304 7.62 23.07 29.99
C LYS B 304 7.35 21.68 29.44
N PRO B 305 6.18 21.09 29.69
CA PRO B 305 5.87 19.78 29.13
C PRO B 305 5.16 19.91 27.78
N ASN B 306 5.26 18.83 27.00
CA ASN B 306 4.67 18.80 25.67
C ASN B 306 3.15 18.64 25.78
N ILE B 307 2.47 18.81 24.64
CA ILE B 307 1.01 18.78 24.58
C ILE B 307 0.58 17.32 24.59
N ASP B 308 0.01 16.87 25.70
CA ASP B 308 -0.54 15.53 25.82
C ASP B 308 -2.06 15.62 25.95
N VAL B 309 -2.76 14.78 25.20
CA VAL B 309 -4.22 14.88 25.06
C VAL B 309 -4.94 13.71 25.70
N THR B 310 -4.21 12.68 26.14
CA THR B 310 -4.85 11.45 26.63
C THR B 310 -5.81 11.75 27.78
N ASP B 311 -5.44 12.65 28.69
CA ASP B 311 -6.33 12.99 29.79
C ASP B 311 -7.63 13.61 29.29
N ALA B 312 -7.53 14.51 28.31
CA ALA B 312 -8.73 15.10 27.74
C ALA B 312 -9.59 14.06 27.02
N MET B 313 -8.97 13.10 26.34
CA MET B 313 -9.72 12.05 25.67
C MET B 313 -10.45 11.16 26.67
N VAL B 314 -9.79 10.81 27.78
CA VAL B 314 -10.43 9.95 28.78
C VAL B 314 -11.54 10.70 29.50
N ASP B 315 -11.32 11.99 29.80
CA ASP B 315 -12.31 12.76 30.55
C ASP B 315 -13.62 12.90 29.80
N GLN B 316 -13.58 12.88 28.47
CA GLN B 316 -14.78 12.99 27.65
C GLN B 316 -15.38 11.64 27.29
N ALA B 317 -14.85 10.55 27.84
CA ALA B 317 -15.36 9.20 27.61
C ALA B 317 -15.32 8.83 26.12
N TRP B 318 -14.10 8.86 25.58
CA TRP B 318 -13.87 8.45 24.20
C TRP B 318 -13.67 6.94 24.12
N ASP B 319 -13.79 6.40 22.92
CA ASP B 319 -13.59 4.98 22.68
C ASP B 319 -12.98 4.80 21.29
N ALA B 320 -12.80 3.55 20.89
CA ALA B 320 -12.20 3.26 19.58
C ALA B 320 -13.10 3.75 18.45
N GLN B 321 -14.42 3.67 18.64
CA GLN B 321 -15.34 4.14 17.61
C GLN B 321 -15.19 5.64 17.37
N ARG B 322 -15.10 6.43 18.45
CA ARG B 322 -14.98 7.87 18.30
C ARG B 322 -13.67 8.26 17.63
N ILE B 323 -12.61 7.49 17.87
CA ILE B 323 -11.32 7.80 17.26
C ILE B 323 -11.37 7.63 15.75
N PHE B 324 -12.05 6.59 15.26
CA PHE B 324 -12.13 6.32 13.84
C PHE B 324 -13.29 7.06 13.15
N LYS B 325 -14.12 7.77 13.91
CA LYS B 325 -15.12 8.65 13.33
C LYS B 325 -14.65 10.09 13.21
N GLU B 326 -13.71 10.52 14.06
CA GLU B 326 -13.15 11.86 13.99
C GLU B 326 -12.06 11.97 12.94
N ALA B 327 -11.54 10.85 12.44
CA ALA B 327 -10.57 10.84 11.35
C ALA B 327 -11.23 10.78 9.98
N GLU B 328 -12.39 10.14 9.89
CA GLU B 328 -13.16 10.16 8.65
C GLU B 328 -13.61 11.58 8.30
N LYS B 329 -14.06 12.34 9.30
CA LYS B 329 -14.43 13.74 9.07
C LYS B 329 -13.26 14.57 8.57
N PHE B 330 -12.04 14.26 9.00
CA PHE B 330 -10.87 14.97 8.48
C PHE B 330 -10.73 14.78 6.98
N PHE B 331 -10.93 13.56 6.49
CA PHE B 331 -10.80 13.31 5.06
C PHE B 331 -11.99 13.86 4.29
N VAL B 332 -13.18 13.84 4.90
CA VAL B 332 -14.35 14.41 4.23
C VAL B 332 -14.22 15.92 4.08
N SER B 333 -13.69 16.61 5.10
CA SER B 333 -13.57 18.06 5.05
C SER B 333 -12.58 18.51 3.98
N VAL B 334 -11.67 17.61 3.56
CA VAL B 334 -10.70 17.93 2.52
C VAL B 334 -11.26 17.72 1.13
N GLY B 335 -12.23 16.83 0.97
CA GLY B 335 -12.83 16.57 -0.32
C GLY B 335 -12.65 15.17 -0.85
N LEU B 336 -12.25 14.22 -0.01
CA LEU B 336 -12.04 12.83 -0.40
C LEU B 336 -13.20 11.96 0.07
N PRO B 337 -13.45 10.83 -0.60
CA PRO B 337 -14.57 9.97 -0.21
C PRO B 337 -14.42 9.40 1.19
N ASN B 338 -15.53 9.04 1.82
CA ASN B 338 -15.53 8.46 3.15
C ASN B 338 -15.68 6.94 3.09
N MET B 339 -15.48 6.31 4.25
CA MET B 339 -15.34 4.87 4.30
C MET B 339 -16.62 4.17 3.84
N THR B 340 -16.45 3.02 3.21
CA THR B 340 -17.58 2.26 2.67
C THR B 340 -18.41 1.67 3.81
N GLN B 341 -19.55 1.08 3.44
CA GLN B 341 -20.46 0.53 4.45
C GLN B 341 -19.92 -0.75 5.06
N GLY B 342 -19.19 -1.56 4.28
CA GLY B 342 -18.62 -2.78 4.81
C GLY B 342 -17.37 -2.58 5.63
N PHE B 343 -16.75 -1.40 5.54
CA PHE B 343 -15.55 -1.12 6.32
C PHE B 343 -15.85 -1.18 7.81
N TRP B 344 -17.01 -0.68 8.23
CA TRP B 344 -17.37 -0.70 9.64
C TRP B 344 -17.78 -2.08 10.09
N GLU B 345 -18.40 -2.87 9.21
CA GLU B 345 -18.88 -4.19 9.58
C GLU B 345 -17.74 -5.21 9.67
N ASN B 346 -16.77 -5.13 8.76
CA ASN B 346 -15.76 -6.17 8.64
C ASN B 346 -14.47 -5.88 9.40
N SER B 347 -14.16 -4.62 9.68
CA SER B 347 -12.90 -4.27 10.32
C SER B 347 -12.93 -4.60 11.81
N MET B 348 -11.74 -4.86 12.36
CA MET B 348 -11.54 -5.03 13.79
C MET B 348 -10.81 -3.80 14.32
N LEU B 349 -11.51 -3.01 15.14
CA LEU B 349 -10.94 -1.80 15.72
C LEU B 349 -10.73 -1.90 17.22
N THR B 350 -10.94 -3.07 17.82
CA THR B 350 -10.77 -3.25 19.25
C THR B 350 -10.04 -4.58 19.50
N ASP B 351 -9.39 -4.65 20.66
CA ASP B 351 -8.68 -5.86 21.03
C ASP B 351 -9.69 -6.97 21.34
N PRO B 352 -9.60 -8.13 20.69
CA PRO B 352 -10.56 -9.21 20.98
C PRO B 352 -10.43 -9.78 22.38
N GLY B 353 -9.30 -9.58 23.06
CA GLY B 353 -9.13 -10.10 24.40
C GLY B 353 -8.33 -11.38 24.46
N ASN B 354 -8.47 -12.13 25.55
CA ASN B 354 -7.76 -13.38 25.73
C ASN B 354 -8.53 -14.59 25.23
N VAL B 355 -9.78 -14.41 24.80
CA VAL B 355 -10.55 -15.53 24.29
C VAL B 355 -9.96 -16.04 22.98
N GLN B 356 -9.45 -15.13 22.14
CA GLN B 356 -8.79 -15.49 20.91
C GLN B 356 -7.57 -14.61 20.72
N LYS B 357 -6.55 -15.15 20.05
CA LYS B 357 -5.28 -14.46 19.87
C LYS B 357 -5.22 -13.84 18.48
N ALA B 358 -4.83 -12.57 18.42
CA ALA B 358 -4.71 -11.85 17.17
C ALA B 358 -3.43 -11.03 17.18
N VAL B 359 -2.92 -10.74 15.99
CA VAL B 359 -1.73 -9.91 15.85
C VAL B 359 -2.12 -8.45 16.07
N CYS B 360 -1.36 -7.77 16.93
CA CYS B 360 -1.68 -6.41 17.35
C CYS B 360 -1.04 -5.34 16.47
N HIS B 361 -0.34 -5.72 15.42
CA HIS B 361 0.29 -4.73 14.55
C HIS B 361 -0.77 -4.07 13.67
N PRO B 362 -0.90 -2.75 13.70
CA PRO B 362 -1.88 -2.08 12.83
C PRO B 362 -1.57 -2.32 11.36
N THR B 363 -2.63 -2.51 10.57
CA THR B 363 -2.47 -2.84 9.16
C THR B 363 -3.71 -2.40 8.41
N ALA B 364 -3.51 -1.87 7.20
CA ALA B 364 -4.60 -1.58 6.27
C ALA B 364 -4.65 -2.68 5.22
N TRP B 365 -5.80 -3.34 5.12
CA TRP B 365 -5.98 -4.51 4.27
C TRP B 365 -6.79 -4.14 3.05
N ASP B 366 -6.24 -4.42 1.86
CA ASP B 366 -6.91 -4.25 0.58
C ASP B 366 -7.11 -5.64 0.00
N LEU B 367 -8.22 -6.27 0.38
CA LEU B 367 -8.50 -7.64 -0.08
C LEU B 367 -8.90 -7.70 -1.55
N GLY B 368 -9.17 -6.57 -2.18
CA GLY B 368 -9.60 -6.55 -3.55
C GLY B 368 -11.11 -6.70 -3.69
N LYS B 369 -11.59 -6.42 -4.90
CA LYS B 369 -13.01 -6.48 -5.23
C LYS B 369 -13.83 -5.56 -4.32
N GLY B 370 -13.26 -4.40 -4.00
CA GLY B 370 -13.96 -3.41 -3.20
C GLY B 370 -14.02 -3.69 -1.72
N ASP B 371 -13.11 -4.50 -1.19
CA ASP B 371 -13.10 -4.86 0.23
C ASP B 371 -11.88 -4.21 0.89
N PHE B 372 -12.13 -3.24 1.76
CA PHE B 372 -11.09 -2.54 2.49
C PHE B 372 -11.34 -2.68 3.99
N ARG B 373 -10.31 -3.01 4.74
CA ARG B 373 -10.44 -3.22 6.18
C ARG B 373 -9.23 -2.64 6.90
N ILE B 374 -9.33 -2.52 8.22
CA ILE B 374 -8.23 -2.10 9.06
C ILE B 374 -8.16 -3.02 10.28
N LEU B 375 -6.98 -3.57 10.55
CA LEU B 375 -6.75 -4.40 11.72
C LEU B 375 -5.90 -3.61 12.71
N MET B 376 -6.47 -3.32 13.87
CA MET B 376 -5.80 -2.50 14.87
C MET B 376 -6.44 -2.74 16.22
N CYS B 377 -5.62 -2.68 17.27
CA CYS B 377 -6.07 -2.78 18.66
C CYS B 377 -5.96 -1.38 19.26
N THR B 378 -7.07 -0.64 19.21
CA THR B 378 -7.06 0.77 19.57
C THR B 378 -7.23 0.97 21.07
N LYS B 379 -6.36 1.79 21.65
CA LYS B 379 -6.48 2.24 23.02
C LYS B 379 -6.83 3.73 23.03
N VAL B 380 -7.23 4.23 24.20
CA VAL B 380 -7.59 5.65 24.34
C VAL B 380 -6.30 6.36 24.72
N THR B 381 -5.49 6.66 23.70
CA THR B 381 -4.25 7.41 23.87
C THR B 381 -4.14 8.41 22.72
N MET B 382 -3.16 9.30 22.83
CA MET B 382 -2.94 10.30 21.78
C MET B 382 -2.24 9.69 20.57
N ASP B 383 -1.42 8.67 20.77
CA ASP B 383 -0.68 8.06 19.66
C ASP B 383 -1.63 7.32 18.72
N ASP B 384 -2.67 6.70 19.27
CA ASP B 384 -3.61 5.96 18.43
C ASP B 384 -4.40 6.89 17.51
N PHE B 385 -4.59 8.15 17.90
CA PHE B 385 -5.19 9.14 17.00
C PHE B 385 -4.37 9.27 15.72
N LEU B 386 -3.08 9.51 15.86
CA LEU B 386 -2.20 9.66 14.71
C LEU B 386 -2.08 8.35 13.93
N THR B 387 -2.04 7.23 14.64
CA THR B 387 -1.98 5.94 13.95
C THR B 387 -3.22 5.69 13.12
N ALA B 388 -4.40 6.02 13.65
CA ALA B 388 -5.64 5.88 12.89
C ALA B 388 -5.64 6.79 11.67
N HIS B 389 -5.14 8.01 11.82
CA HIS B 389 -5.04 8.91 10.66
C HIS B 389 -4.11 8.31 9.60
N HIS B 390 -2.98 7.75 10.02
CA HIS B 390 -2.04 7.14 9.08
C HIS B 390 -2.67 5.97 8.34
N GLU B 391 -3.33 5.07 9.06
CA GLU B 391 -3.93 3.91 8.42
C GLU B 391 -5.08 4.30 7.50
N MET B 392 -5.88 5.31 7.88
CA MET B 392 -6.95 5.73 6.97
C MET B 392 -6.39 6.47 5.76
N GLY B 393 -5.25 7.14 5.89
CA GLY B 393 -4.58 7.66 4.71
C GLY B 393 -4.15 6.56 3.77
N HIS B 394 -3.59 5.47 4.32
CA HIS B 394 -3.28 4.30 3.51
C HIS B 394 -4.52 3.78 2.80
N ILE B 395 -5.63 3.66 3.54
CA ILE B 395 -6.86 3.12 2.98
C ILE B 395 -7.38 4.01 1.85
N GLN B 396 -7.36 5.33 2.04
CA GLN B 396 -7.83 6.24 1.00
C GLN B 396 -6.95 6.16 -0.24
N TYR B 397 -5.62 6.05 -0.04
CA TYR B 397 -4.73 5.86 -1.18
C TYR B 397 -5.07 4.59 -1.94
N ASP B 398 -5.38 3.51 -1.21
CA ASP B 398 -5.77 2.26 -1.86
C ASP B 398 -7.07 2.42 -2.63
N MET B 399 -8.05 3.12 -2.05
CA MET B 399 -9.33 3.31 -2.73
C MET B 399 -9.21 4.23 -3.95
N ALA B 400 -8.16 5.06 -3.99
CA ALA B 400 -8.05 6.04 -5.07
C ALA B 400 -7.91 5.37 -6.43
N TYR B 401 -7.07 4.33 -6.53
CA TYR B 401 -6.77 3.69 -7.80
C TYR B 401 -7.40 2.30 -7.93
N ALA B 402 -8.60 2.10 -7.37
CA ALA B 402 -9.25 0.80 -7.45
C ALA B 402 -9.70 0.44 -8.86
N ALA B 403 -9.69 1.38 -9.80
CA ALA B 403 -10.12 1.11 -11.16
C ALA B 403 -8.98 0.72 -12.09
N GLN B 404 -7.74 0.75 -11.61
CA GLN B 404 -6.60 0.39 -12.44
C GLN B 404 -6.53 -1.12 -12.63
N PRO B 405 -5.81 -1.58 -13.66
CA PRO B 405 -5.60 -3.02 -13.82
C PRO B 405 -4.90 -3.62 -12.60
N PHE B 406 -4.98 -4.95 -12.51
CA PHE B 406 -4.51 -5.65 -11.31
C PHE B 406 -3.03 -5.39 -11.05
N LEU B 407 -2.21 -5.47 -12.09
CA LEU B 407 -0.77 -5.30 -11.92
C LEU B 407 -0.35 -3.84 -11.75
N LEU B 408 -1.23 -2.89 -12.03
CA LEU B 408 -0.92 -1.48 -11.92
C LEU B 408 -1.58 -0.83 -10.69
N ARG B 409 -2.05 -1.64 -9.74
CA ARG B 409 -2.70 -1.14 -8.54
C ARG B 409 -1.68 -1.12 -7.40
N ASN B 410 -0.87 -0.06 -7.39
CA ASN B 410 0.14 0.15 -6.37
C ASN B 410 0.62 1.58 -6.47
N GLY B 411 1.48 1.97 -5.54
CA GLY B 411 2.11 3.28 -5.59
C GLY B 411 3.08 3.38 -6.75
N ALA B 412 3.39 4.62 -7.13
CA ALA B 412 4.28 4.83 -8.27
C ALA B 412 5.66 4.25 -8.02
N ASN B 413 6.16 4.38 -6.81
CA ASN B 413 7.36 3.66 -6.38
C ASN B 413 7.15 3.23 -4.93
N GLU B 414 8.24 2.78 -4.30
CA GLU B 414 8.12 2.18 -2.96
C GLU B 414 7.97 3.20 -1.85
N GLY B 415 8.03 4.50 -2.16
CA GLY B 415 7.98 5.51 -1.11
C GLY B 415 6.87 6.52 -1.19
N PHE B 416 5.67 6.12 -1.66
CA PHE B 416 4.53 7.03 -1.67
C PHE B 416 3.42 6.67 -0.69
N HIS B 417 3.23 5.39 -0.37
CA HIS B 417 2.26 5.04 0.68
C HIS B 417 2.64 5.68 2.01
N GLU B 418 3.88 5.48 2.44
CA GLU B 418 4.30 6.00 3.73
C GLU B 418 4.34 7.52 3.73
N ALA B 419 4.72 8.12 2.61
CA ALA B 419 4.72 9.59 2.52
C ALA B 419 3.33 10.15 2.73
N VAL B 420 2.33 9.56 2.07
CA VAL B 420 0.95 10.02 2.24
C VAL B 420 0.49 9.80 3.67
N GLY B 421 0.79 8.64 4.25
CA GLY B 421 0.40 8.39 5.62
C GLY B 421 0.99 9.41 6.59
N GLU B 422 2.27 9.72 6.43
CA GLU B 422 2.91 10.67 7.34
C GLU B 422 2.42 12.09 7.13
N ILE B 423 2.15 12.49 5.88
CA ILE B 423 1.61 13.84 5.71
C ILE B 423 0.20 13.94 6.26
N MET B 424 -0.57 12.84 6.23
CA MET B 424 -1.88 12.86 6.87
C MET B 424 -1.76 12.95 8.38
N SER B 425 -0.85 12.18 8.98
CA SER B 425 -0.69 12.22 10.43
C SER B 425 0.03 13.49 10.92
N LEU B 426 0.68 14.22 10.02
CA LEU B 426 1.41 15.43 10.42
C LEU B 426 0.48 16.61 10.69
N SER B 427 -0.61 16.74 9.92
CA SER B 427 -1.50 17.88 10.08
C SER B 427 -2.50 17.71 11.21
N ALA B 428 -2.65 16.50 11.76
CA ALA B 428 -3.60 16.24 12.81
C ALA B 428 -3.01 16.40 14.21
N ALA B 429 -1.72 16.75 14.31
CA ALA B 429 -1.07 16.93 15.60
C ALA B 429 -0.81 18.39 15.93
N THR B 430 -1.13 19.32 15.02
CA THR B 430 -0.92 20.73 15.29
C THR B 430 -1.88 21.21 16.37
N PRO B 431 -1.46 22.18 17.18
CA PRO B 431 -2.37 22.71 18.22
C PRO B 431 -3.65 23.30 17.66
N LYS B 432 -3.61 23.88 16.46
CA LYS B 432 -4.81 24.45 15.86
C LYS B 432 -5.87 23.38 15.62
N HIS B 433 -5.46 22.23 15.07
CA HIS B 433 -6.41 21.15 14.81
C HIS B 433 -6.98 20.61 16.11
N LEU B 434 -6.15 20.46 17.15
CA LEU B 434 -6.64 19.98 18.43
C LEU B 434 -7.62 20.96 19.05
N LYS B 435 -7.35 22.26 18.93
CA LYS B 435 -8.27 23.27 19.43
C LYS B 435 -9.59 23.23 18.68
N SER B 436 -9.54 23.01 17.36
CA SER B 436 -10.77 23.00 16.56
C SER B 436 -11.71 21.88 16.99
N ILE B 437 -11.17 20.70 17.27
CA ILE B 437 -12.01 19.54 17.62
C ILE B 437 -12.28 19.55 19.12
N GLY B 438 -11.83 20.59 19.82
CA GLY B 438 -12.13 20.76 21.22
C GLY B 438 -11.30 19.96 22.19
N LEU B 439 -10.31 19.22 21.71
CA LEU B 439 -9.46 18.45 22.63
C LEU B 439 -8.52 19.35 23.41
N LEU B 440 -8.26 20.56 22.92
CA LEU B 440 -7.47 21.56 23.63
C LEU B 440 -8.38 22.70 24.05
N SER B 441 -8.19 23.16 25.29
CA SER B 441 -9.02 24.23 25.82
C SER B 441 -8.77 25.52 25.04
N PRO B 442 -9.80 26.34 24.80
CA PRO B 442 -9.59 27.60 24.08
C PRO B 442 -8.66 28.56 24.80
N ASP B 443 -8.52 28.44 26.12
CA ASP B 443 -7.61 29.28 26.89
C ASP B 443 -6.21 28.65 26.84
N PHE B 444 -5.61 28.73 25.65
CA PHE B 444 -4.30 28.13 25.42
C PHE B 444 -3.61 28.89 24.29
N GLN B 445 -2.38 29.33 24.54
CA GLN B 445 -1.58 30.04 23.55
C GLN B 445 -0.20 29.40 23.45
N GLU B 446 0.30 29.28 22.23
CA GLU B 446 1.61 28.68 22.02
C GLU B 446 2.71 29.63 22.47
N ASP B 447 3.78 29.06 23.01
CA ASP B 447 4.93 29.82 23.49
C ASP B 447 6.15 29.50 22.63
N ASN B 448 7.06 30.47 22.56
CA ASN B 448 8.27 30.28 21.77
C ASN B 448 9.18 29.20 22.35
N GLU B 449 9.00 28.85 23.63
CA GLU B 449 9.78 27.80 24.27
C GLU B 449 9.20 26.42 24.04
N THR B 450 8.02 26.31 23.42
CA THR B 450 7.39 25.02 23.13
C THR B 450 7.59 24.58 21.69
N GLU B 451 7.55 25.53 20.74
CA GLU B 451 7.77 25.18 19.34
C GLU B 451 9.18 24.64 19.12
N ILE B 452 10.18 25.28 19.75
CA ILE B 452 11.55 24.81 19.61
C ILE B 452 11.70 23.41 20.21
N ASN B 453 11.09 23.17 21.37
CA ASN B 453 11.17 21.86 22.00
C ASN B 453 10.51 20.79 21.14
N PHE B 454 9.34 21.08 20.57
CA PHE B 454 8.67 20.14 19.69
C PHE B 454 9.50 19.87 18.44
N LEU B 455 10.07 20.92 17.85
CA LEU B 455 10.89 20.75 16.66
C LEU B 455 12.11 19.90 16.95
N LEU B 456 12.76 20.11 18.09
CA LEU B 456 13.91 19.29 18.44
C LEU B 456 13.51 17.85 18.68
N LYS B 457 12.38 17.63 19.35
CA LYS B 457 11.92 16.26 19.58
C LYS B 457 11.64 15.55 18.25
N GLN B 458 11.03 16.25 17.30
CA GLN B 458 10.77 15.65 16.00
C GLN B 458 12.03 15.46 15.17
N ALA B 459 13.01 16.36 15.29
CA ALA B 459 14.27 16.22 14.56
C ALA B 459 15.12 15.08 15.10
N LEU B 460 15.02 14.79 16.40
CA LEU B 460 15.74 13.64 16.94
C LEU B 460 15.28 12.34 16.30
N THR B 461 14.09 12.32 15.68
CA THR B 461 13.56 11.14 15.00
C THR B 461 13.69 11.21 13.48
N ILE B 462 13.45 12.38 12.88
CA ILE B 462 13.41 12.49 11.43
C ILE B 462 14.78 12.72 10.84
N VAL B 463 15.44 13.82 11.22
CA VAL B 463 16.71 14.18 10.59
C VAL B 463 17.88 13.38 11.14
N GLY B 464 17.70 12.69 12.26
CA GLY B 464 18.78 11.91 12.84
C GLY B 464 18.97 10.53 12.28
N THR B 465 18.16 10.12 11.30
CA THR B 465 18.26 8.79 10.73
C THR B 465 18.74 8.77 9.29
N LEU B 466 18.78 9.92 8.62
CA LEU B 466 19.19 9.95 7.21
C LEU B 466 20.63 9.49 7.01
N PRO B 467 21.63 9.98 7.75
CA PRO B 467 23.01 9.49 7.51
C PRO B 467 23.15 7.99 7.74
N PHE B 468 22.45 7.43 8.72
CA PHE B 468 22.53 6.00 8.96
C PHE B 468 22.04 5.20 7.76
N THR B 469 20.85 5.54 7.26
CA THR B 469 20.30 4.85 6.10
C THR B 469 21.20 5.02 4.88
N TYR B 470 21.67 6.25 4.65
CA TYR B 470 22.54 6.51 3.51
C TYR B 470 23.80 5.68 3.57
N MET B 471 24.46 5.65 4.73
CA MET B 471 25.71 4.91 4.85
C MET B 471 25.49 3.42 4.73
N LEU B 472 24.43 2.89 5.32
CA LEU B 472 24.17 1.45 5.23
C LEU B 472 23.92 1.03 3.79
N GLU B 473 23.07 1.77 3.08
CA GLU B 473 22.79 1.41 1.69
C GLU B 473 24.02 1.58 0.81
N LYS B 474 24.81 2.64 1.03
CA LYS B 474 26.04 2.81 0.29
C LYS B 474 27.00 1.65 0.52
N TRP B 475 27.11 1.20 1.78
CA TRP B 475 27.99 0.08 2.08
C TRP B 475 27.55 -1.19 1.37
N ARG B 476 26.24 -1.49 1.40
CA ARG B 476 25.80 -2.71 0.73
C ARG B 476 25.96 -2.61 -0.78
N TRP B 477 25.73 -1.42 -1.35
CA TRP B 477 25.95 -1.24 -2.78
C TRP B 477 27.41 -1.48 -3.13
N MET B 478 28.34 -0.94 -2.33
CA MET B 478 29.76 -1.14 -2.59
C MET B 478 30.15 -2.60 -2.46
N VAL B 479 29.61 -3.30 -1.45
CA VAL B 479 29.90 -4.72 -1.27
C VAL B 479 29.41 -5.52 -2.46
N PHE B 480 28.18 -5.26 -2.91
CA PHE B 480 27.64 -6.00 -4.06
C PHE B 480 28.42 -5.71 -5.32
N LYS B 481 28.79 -4.45 -5.56
CA LYS B 481 29.53 -4.12 -6.78
C LYS B 481 30.92 -4.71 -6.79
N GLY B 482 31.52 -4.93 -5.61
CA GLY B 482 32.84 -5.50 -5.51
C GLY B 482 33.96 -4.51 -5.26
N GLU B 483 33.63 -3.23 -5.03
CA GLU B 483 34.67 -2.25 -4.73
C GLU B 483 35.34 -2.51 -3.39
N ILE B 484 34.70 -3.25 -2.50
CA ILE B 484 35.25 -3.59 -1.19
C ILE B 484 35.69 -5.05 -1.24
N PRO B 485 36.99 -5.33 -1.19
CA PRO B 485 37.43 -6.73 -1.13
C PRO B 485 36.99 -7.39 0.18
N LYS B 486 36.90 -8.72 0.15
CA LYS B 486 36.43 -9.46 1.31
C LYS B 486 37.32 -9.28 2.53
N ASP B 487 38.58 -8.87 2.32
CA ASP B 487 39.50 -8.63 3.42
C ASP B 487 39.45 -7.18 3.93
N GLN B 488 38.39 -6.45 3.62
CA GLN B 488 38.24 -5.07 4.06
C GLN B 488 36.82 -4.72 4.51
N TRP B 489 35.97 -5.69 4.83
CA TRP B 489 34.58 -5.41 5.17
C TRP B 489 34.44 -4.58 6.43
N MET B 490 34.92 -5.11 7.56
CA MET B 490 34.72 -4.44 8.84
C MET B 490 35.48 -3.11 8.89
N LYS B 491 36.70 -3.07 8.35
CA LYS B 491 37.49 -1.85 8.39
C LYS B 491 36.80 -0.74 7.60
N LYS B 492 36.36 -1.05 6.38
CA LYS B 492 35.65 -0.06 5.58
C LYS B 492 34.35 0.36 6.24
N TRP B 493 33.63 -0.59 6.81
CA TRP B 493 32.38 -0.28 7.50
C TRP B 493 32.61 0.71 8.63
N TRP B 494 33.59 0.43 9.49
CA TRP B 494 33.81 1.26 10.67
C TRP B 494 34.60 2.53 10.38
N GLU B 495 35.18 2.68 9.20
CA GLU B 495 35.72 3.98 8.83
C GLU B 495 34.69 4.84 8.10
N MET B 496 33.80 4.22 7.31
CA MET B 496 32.68 4.97 6.77
C MET B 496 31.75 5.45 7.86
N LYS B 497 31.60 4.66 8.93
CA LYS B 497 30.78 5.08 10.07
C LYS B 497 31.33 6.35 10.70
N ARG B 498 32.66 6.43 10.83
CA ARG B 498 33.27 7.64 11.40
C ARG B 498 33.22 8.81 10.41
N GLU B 499 33.37 8.52 9.12
CA GLU B 499 33.45 9.60 8.14
C GLU B 499 32.09 10.24 7.88
N ILE B 500 31.05 9.43 7.75
CA ILE B 500 29.73 9.91 7.33
C ILE B 500 28.81 10.15 8.52
N VAL B 501 28.71 9.18 9.43
CA VAL B 501 27.78 9.30 10.55
C VAL B 501 28.40 10.04 11.72
N GLY B 502 29.72 10.01 11.87
CA GLY B 502 30.35 10.61 13.03
C GLY B 502 30.27 9.77 14.29
N VAL B 503 30.21 8.45 14.15
CA VAL B 503 30.08 7.54 15.28
C VAL B 503 31.32 6.63 15.28
N VAL B 504 31.95 6.54 16.45
CA VAL B 504 33.17 5.75 16.63
C VAL B 504 32.84 4.48 17.41
N GLU B 505 33.44 3.37 16.99
CA GLU B 505 33.20 2.11 17.66
C GLU B 505 33.79 2.13 19.07
N PRO B 506 33.13 1.46 20.02
CA PRO B 506 33.70 1.40 21.38
C PRO B 506 35.05 0.69 21.45
N VAL B 507 35.12 -0.53 20.93
CA VAL B 507 36.36 -1.31 20.94
C VAL B 507 36.57 -1.89 19.54
N PRO B 508 37.81 -2.18 19.14
CA PRO B 508 38.04 -2.69 17.79
C PRO B 508 37.41 -4.07 17.59
N HIS B 509 36.98 -4.31 16.36
CA HIS B 509 36.36 -5.57 15.97
C HIS B 509 37.19 -6.23 14.88
N ASP B 510 37.47 -7.53 15.06
CA ASP B 510 38.23 -8.28 14.08
C ASP B 510 37.37 -8.54 12.84
N GLU B 511 38.02 -8.99 11.77
CA GLU B 511 37.34 -9.29 10.52
C GLU B 511 36.49 -10.56 10.58
N THR B 512 36.40 -11.20 11.74
CA THR B 512 35.51 -12.33 11.93
C THR B 512 34.11 -11.90 12.36
N TYR B 513 33.88 -10.60 12.50
CA TYR B 513 32.59 -10.06 12.88
C TYR B 513 31.80 -9.65 11.65
N CYS B 514 30.47 -9.71 11.76
CA CYS B 514 29.56 -9.21 10.73
C CYS B 514 28.63 -8.22 11.42
N ASP B 515 29.09 -6.98 11.55
CA ASP B 515 28.30 -5.95 12.24
C ASP B 515 27.00 -5.61 11.52
N PRO B 516 26.97 -5.36 10.20
CA PRO B 516 25.70 -4.99 9.56
C PRO B 516 24.63 -6.06 9.64
N ALA B 517 25.00 -7.34 9.78
CA ALA B 517 24.02 -8.42 9.79
C ALA B 517 23.15 -8.41 11.05
N SER B 518 23.53 -7.65 12.08
CA SER B 518 22.72 -7.60 13.29
C SER B 518 21.37 -6.93 13.04
N LEU B 519 21.30 -6.04 12.05
CA LEU B 519 20.04 -5.35 11.77
C LEU B 519 19.03 -6.29 11.14
N PHE B 520 17.76 -5.99 11.36
CA PHE B 520 16.68 -6.83 10.83
C PHE B 520 16.66 -6.81 9.30
N HIS B 521 16.85 -5.64 8.71
CA HIS B 521 16.69 -5.49 7.26
C HIS B 521 17.86 -6.04 6.46
N VAL B 522 18.99 -6.33 7.11
CA VAL B 522 20.16 -6.85 6.39
C VAL B 522 20.12 -8.36 6.30
N SER B 523 19.73 -9.04 7.37
CA SER B 523 19.70 -10.50 7.41
C SER B 523 18.44 -11.09 6.80
N ASN B 524 17.49 -10.27 6.36
CA ASN B 524 16.24 -10.77 5.81
C ASN B 524 15.99 -10.29 4.39
N ASP B 525 17.02 -9.77 3.72
CA ASP B 525 16.96 -9.42 2.29
C ASP B 525 15.89 -8.37 2.01
N TYR B 526 16.02 -7.22 2.67
CA TYR B 526 15.13 -6.08 2.46
C TYR B 526 15.93 -4.87 2.05
N SER B 527 15.38 -4.11 1.10
CA SER B 527 16.00 -2.86 0.68
C SER B 527 15.89 -1.80 1.78
N PHE B 528 16.91 -0.95 1.88
CA PHE B 528 16.99 0.05 2.92
C PHE B 528 17.29 1.44 2.34
N ILE B 529 16.59 1.82 1.28
CA ILE B 529 16.71 3.16 0.71
C ILE B 529 15.38 3.88 0.62
N ARG B 530 14.26 3.18 0.84
CA ARG B 530 12.95 3.82 0.76
C ARG B 530 12.77 4.85 1.87
N TYR B 531 13.47 4.70 2.99
CA TYR B 531 13.32 5.59 4.13
C TYR B 531 13.94 6.96 3.92
N TYR B 532 14.71 7.15 2.85
CA TYR B 532 15.31 8.42 2.49
C TYR B 532 14.43 9.17 1.49
N THR B 533 14.08 8.51 0.39
CA THR B 533 13.18 9.09 -0.59
C THR B 533 11.82 9.39 0.02
N ARG B 534 11.32 8.50 0.88
CA ARG B 534 10.05 8.76 1.56
C ARG B 534 10.13 9.99 2.45
N THR B 535 11.25 10.15 3.16
CA THR B 535 11.41 11.31 4.02
C THR B 535 11.41 12.60 3.22
N LEU B 536 12.08 12.60 2.06
CA LEU B 536 12.07 13.79 1.22
C LEU B 536 10.68 14.08 0.65
N TYR B 537 10.00 13.02 0.18
CA TYR B 537 8.67 13.19 -0.40
C TYR B 537 7.67 13.70 0.61
N GLN B 538 7.81 13.31 1.88
CA GLN B 538 6.93 13.81 2.93
C GLN B 538 6.86 15.33 2.92
N PHE B 539 8.02 15.98 3.04
CA PHE B 539 8.05 17.43 3.14
C PHE B 539 7.79 18.09 1.80
N GLN B 540 8.16 17.46 0.68
CA GLN B 540 7.78 18.02 -0.61
C GLN B 540 6.26 18.11 -0.74
N PHE B 541 5.56 17.01 -0.45
CA PHE B 541 4.10 17.00 -0.51
C PHE B 541 3.50 17.98 0.48
N GLN B 542 4.06 18.04 1.69
CA GLN B 542 3.52 18.94 2.71
C GLN B 542 3.65 20.39 2.28
N GLU B 543 4.80 20.77 1.71
CA GLU B 543 4.97 22.15 1.27
C GLU B 543 4.04 22.46 0.10
N ALA B 544 3.86 21.51 -0.83
CA ALA B 544 2.96 21.75 -1.95
C ALA B 544 1.53 21.97 -1.45
N LEU B 545 1.06 21.12 -0.54
CA LEU B 545 -0.29 21.26 -0.03
C LEU B 545 -0.43 22.51 0.83
N CYS B 546 0.64 22.91 1.53
CA CYS B 546 0.63 24.14 2.29
C CYS B 546 0.48 25.35 1.38
N GLN B 547 1.22 25.37 0.27
CA GLN B 547 1.11 26.49 -0.67
C GLN B 547 -0.25 26.50 -1.34
N ALA B 548 -0.84 25.32 -1.58
CA ALA B 548 -2.15 25.27 -2.22
C ALA B 548 -3.25 25.80 -1.29
N ALA B 549 -3.07 25.71 0.02
CA ALA B 549 -4.10 26.07 0.98
C ALA B 549 -4.00 27.49 1.50
N LYS B 550 -3.07 28.29 0.97
CA LYS B 550 -2.89 29.69 1.38
C LYS B 550 -2.56 29.80 2.86
N HIS B 551 -1.51 29.12 3.28
CA HIS B 551 -1.03 29.22 4.65
C HIS B 551 -0.12 30.45 4.80
N GLU B 552 -0.17 31.07 5.97
CA GLU B 552 0.51 32.33 6.20
C GLU B 552 1.72 32.25 7.12
N GLY B 553 1.67 31.40 8.15
CA GLY B 553 2.73 31.33 9.12
C GLY B 553 3.83 30.35 8.74
N PRO B 554 4.53 29.82 9.73
CA PRO B 554 5.57 28.83 9.45
C PRO B 554 4.98 27.52 8.94
N LEU B 555 5.86 26.71 8.34
CA LEU B 555 5.42 25.46 7.74
C LEU B 555 5.05 24.40 8.77
N HIS B 556 5.58 24.49 10.00
CA HIS B 556 5.32 23.47 11.00
C HIS B 556 4.00 23.68 11.73
N LYS B 557 3.22 24.69 11.36
CA LYS B 557 1.88 24.88 11.89
C LYS B 557 0.80 24.79 10.82
N CYS B 558 1.13 24.27 9.64
CA CYS B 558 0.17 24.21 8.55
C CYS B 558 -0.91 23.17 8.83
N ASP B 559 -2.08 23.38 8.24
CA ASP B 559 -3.20 22.46 8.37
C ASP B 559 -3.98 22.46 7.06
N ILE B 560 -4.20 21.28 6.50
CA ILE B 560 -4.90 21.15 5.22
C ILE B 560 -6.38 20.88 5.40
N SER B 561 -6.88 20.96 6.64
CA SER B 561 -8.30 20.74 6.89
C SER B 561 -9.14 21.88 6.29
N ASN B 562 -10.35 21.54 5.87
CA ASN B 562 -11.33 22.45 5.28
C ASN B 562 -10.90 23.02 3.94
N SER B 563 -9.89 22.44 3.29
CA SER B 563 -9.42 22.92 2.00
C SER B 563 -9.71 21.86 0.94
N THR B 564 -10.37 22.29 -0.14
CA THR B 564 -10.76 21.37 -1.20
C THR B 564 -9.80 21.36 -2.39
N GLU B 565 -9.14 22.49 -2.67
CA GLU B 565 -8.16 22.52 -3.76
C GLU B 565 -6.97 21.62 -3.48
N ALA B 566 -6.47 21.61 -2.23
CA ALA B 566 -5.38 20.71 -1.88
C ALA B 566 -5.80 19.26 -2.02
N GLY B 567 -7.02 18.93 -1.59
CA GLY B 567 -7.51 17.56 -1.75
C GLY B 567 -7.64 17.16 -3.21
N GLN B 568 -8.14 18.06 -4.04
CA GLN B 568 -8.24 17.77 -5.47
C GLN B 568 -6.87 17.57 -6.10
N LYS B 569 -5.91 18.43 -5.74
CA LYS B 569 -4.55 18.29 -6.28
C LYS B 569 -3.91 16.98 -5.83
N LEU B 570 -4.15 16.56 -4.59
CA LEU B 570 -3.61 15.28 -4.14
C LEU B 570 -4.29 14.10 -4.84
N PHE B 571 -5.62 14.17 -5.00
CA PHE B 571 -6.34 13.10 -5.67
C PHE B 571 -5.91 12.95 -7.12
N ASN B 572 -5.56 14.06 -7.77
CA ASN B 572 -5.08 13.99 -9.14
C ASN B 572 -3.90 13.03 -9.30
N MET B 573 -3.06 12.92 -8.27
CA MET B 573 -1.94 11.98 -8.27
C MET B 573 -2.31 10.64 -7.67
N LEU B 574 -3.15 10.61 -6.64
CA LEU B 574 -3.53 9.34 -6.04
C LEU B 574 -4.26 8.44 -7.02
N ARG B 575 -5.05 9.03 -7.92
CA ARG B 575 -5.83 8.23 -8.85
C ARG B 575 -4.98 7.52 -9.90
N LEU B 576 -3.75 7.96 -10.13
CA LEU B 576 -2.92 7.38 -11.18
C LEU B 576 -2.49 5.96 -10.84
N GLY B 577 -2.14 5.69 -9.59
CA GLY B 577 -1.63 4.38 -9.24
C GLY B 577 -0.21 4.22 -9.77
N LYS B 578 0.05 3.11 -10.44
CA LYS B 578 1.35 2.81 -11.01
C LYS B 578 1.35 2.83 -12.54
N SER B 579 0.41 3.56 -13.14
CA SER B 579 0.26 3.58 -14.59
C SER B 579 1.10 4.65 -15.28
N GLU B 580 1.75 5.53 -14.52
CA GLU B 580 2.53 6.62 -15.08
C GLU B 580 3.85 6.73 -14.33
N PRO B 581 4.87 7.32 -14.94
CA PRO B 581 6.15 7.48 -14.25
C PRO B 581 6.01 8.30 -12.98
N TRP B 582 6.79 7.94 -11.97
CA TRP B 582 6.73 8.66 -10.69
C TRP B 582 7.22 10.10 -10.82
N THR B 583 8.08 10.39 -11.80
CA THR B 583 8.47 11.77 -12.04
C THR B 583 7.27 12.61 -12.48
N LEU B 584 6.43 12.04 -13.34
CA LEU B 584 5.23 12.76 -13.78
C LEU B 584 4.27 13.01 -12.63
N ALA B 585 4.10 12.02 -11.75
CA ALA B 585 3.23 12.21 -10.58
C ALA B 585 3.80 13.27 -9.63
N LEU B 586 5.12 13.24 -9.41
CA LEU B 586 5.75 14.24 -8.56
C LEU B 586 5.59 15.64 -9.14
N GLU B 587 5.71 15.77 -10.47
CA GLU B 587 5.44 17.06 -11.11
C GLU B 587 3.97 17.44 -10.98
N ASN B 588 3.07 16.47 -11.01
CA ASN B 588 1.66 16.76 -10.83
C ASN B 588 1.39 17.35 -9.46
N VAL B 589 2.03 16.81 -8.43
CA VAL B 589 1.81 17.32 -7.07
C VAL B 589 2.64 18.57 -6.82
N VAL B 590 3.95 18.44 -6.90
CA VAL B 590 4.87 19.48 -6.44
C VAL B 590 5.19 20.48 -7.55
N GLY B 591 5.45 19.99 -8.76
CA GLY B 591 5.92 20.83 -9.84
C GLY B 591 7.37 20.60 -10.22
N ALA B 592 8.02 19.60 -9.66
CA ALA B 592 9.39 19.24 -9.99
C ALA B 592 9.44 17.76 -10.37
N LYS B 593 10.53 17.37 -11.03
CA LYS B 593 10.69 16.02 -11.54
C LYS B 593 11.76 15.23 -10.79
N ASN B 594 12.20 15.71 -9.62
CA ASN B 594 13.28 15.04 -8.90
C ASN B 594 13.14 15.38 -7.41
N MET B 595 13.88 14.64 -6.59
CA MET B 595 13.87 14.87 -5.16
C MET B 595 14.47 16.23 -4.83
N ASN B 596 13.90 16.88 -3.82
CA ASN B 596 14.39 18.18 -3.36
C ASN B 596 14.35 18.20 -1.84
N VAL B 597 15.40 18.73 -1.23
CA VAL B 597 15.53 18.76 0.22
C VAL B 597 15.20 20.13 0.81
N ARG B 598 14.93 21.13 -0.04
CA ARG B 598 14.63 22.47 0.45
C ARG B 598 13.42 22.52 1.38
N PRO B 599 12.30 21.83 1.11
CA PRO B 599 11.19 21.86 2.07
C PRO B 599 11.55 21.35 3.45
N LEU B 600 12.43 20.35 3.57
CA LEU B 600 12.85 19.88 4.89
C LEU B 600 13.60 20.97 5.64
N LEU B 601 14.50 21.67 4.95
CA LEU B 601 15.23 22.77 5.60
C LEU B 601 14.29 23.91 5.96
N ASN B 602 13.29 24.20 5.14
CA ASN B 602 12.29 25.20 5.49
C ASN B 602 11.53 24.78 6.74
N TYR B 603 11.20 23.48 6.85
CA TYR B 603 10.51 22.97 8.03
C TYR B 603 11.36 23.14 9.28
N PHE B 604 12.65 22.86 9.18
CA PHE B 604 13.52 22.85 10.36
C PHE B 604 14.29 24.15 10.56
N GLU B 605 14.00 25.19 9.78
CA GLU B 605 14.73 26.46 9.90
C GLU B 605 14.72 27.07 11.30
N PRO B 606 13.61 27.18 12.02
CA PRO B 606 13.68 27.78 13.37
C PRO B 606 14.62 27.03 14.31
N LEU B 607 14.56 25.69 14.29
CA LEU B 607 15.46 24.91 15.11
C LEU B 607 16.91 25.12 14.68
N PHE B 608 17.14 25.26 13.38
CA PHE B 608 18.50 25.52 12.89
C PHE B 608 19.03 26.85 13.41
N THR B 609 18.21 27.90 13.36
CA THR B 609 18.65 29.20 13.87
C THR B 609 18.91 29.15 15.38
N TRP B 610 18.02 28.49 16.13
CA TRP B 610 18.23 28.37 17.57
C TRP B 610 19.51 27.58 17.89
N LEU B 611 19.76 26.50 17.14
CA LEU B 611 20.96 25.70 17.36
C LEU B 611 22.22 26.50 17.04
N LYS B 612 22.19 27.28 15.96
CA LYS B 612 23.33 28.15 15.65
C LYS B 612 23.53 29.18 16.74
N ASP B 613 22.44 29.72 17.29
CA ASP B 613 22.55 30.69 18.38
C ASP B 613 23.20 30.07 19.61
N GLN B 614 22.82 28.83 19.96
CA GLN B 614 23.35 28.20 21.16
C GLN B 614 24.71 27.56 20.97
N ASN B 615 25.19 27.43 19.73
CA ASN B 615 26.47 26.79 19.46
C ASN B 615 27.59 27.81 19.27
N LYS B 616 27.55 28.92 20.00
CA LYS B 616 28.58 29.95 19.87
C LYS B 616 29.89 29.55 20.53
N ASN B 617 29.85 28.72 21.57
CA ASN B 617 31.06 28.37 22.30
C ASN B 617 31.34 26.87 22.24
N SER B 618 31.22 26.29 21.06
CA SER B 618 31.48 24.86 20.88
C SER B 618 32.09 24.65 19.51
N PHE B 619 32.66 23.46 19.31
CA PHE B 619 33.29 23.08 18.06
C PHE B 619 32.36 22.22 17.23
N VAL B 620 32.13 22.60 15.99
CA VAL B 620 31.29 21.85 15.07
C VAL B 620 32.18 20.94 14.23
N GLY B 621 31.80 19.67 14.16
CA GLY B 621 32.57 18.66 13.45
C GLY B 621 33.13 17.62 14.40
N TRP B 622 33.87 16.68 13.81
CA TRP B 622 34.46 15.59 14.56
C TRP B 622 35.74 15.14 13.87
N SER B 623 36.60 14.48 14.66
CA SER B 623 37.87 13.96 14.17
C SER B 623 37.83 12.43 14.27
N THR B 624 38.08 11.76 13.14
CA THR B 624 37.99 10.31 13.10
C THR B 624 39.17 9.61 13.76
N ASP B 625 40.30 10.30 13.92
CA ASP B 625 41.47 9.65 14.49
C ASP B 625 41.31 9.37 15.98
N TRP B 626 40.46 10.12 16.67
CA TRP B 626 40.23 9.90 18.09
C TRP B 626 39.54 8.56 18.32
N SER B 627 39.94 7.88 19.38
CA SER B 627 39.44 6.56 19.72
C SER B 627 39.22 6.46 21.22
N PRO B 628 38.22 5.68 21.65
CA PRO B 628 38.02 5.45 23.09
C PRO B 628 38.74 4.22 23.64
N TYR B 629 39.60 3.58 22.87
CA TYR B 629 40.36 2.43 23.35
C TYR B 629 41.85 2.61 23.09
#